data_1WC5
#
_entry.id   1WC5
#
_cell.length_a   53.303
_cell.length_b   71.193
_cell.length_c   106.733
_cell.angle_alpha   90.00
_cell.angle_beta   95.81
_cell.angle_gamma   90.00
#
_symmetry.space_group_name_H-M   'P 1 21 1'
#
loop_
_entity.id
_entity.type
_entity.pdbx_description
1 polymer 'ADENYLATE CYCLASE'
2 non-polymer 'DIPHOSPHOMETHYLPHOSPHONIC ACID ADENOSYL ESTER'
3 non-polymer 'MAGNESIUM ION'
4 non-polymer 'CALCIUM ION'
5 water water
#
_entity_poly.entity_id   1
_entity_poly.type   'polypeptide(L)'
_entity_poly.pdbx_seq_one_letter_code
;MGSSHHHHHHSSGLVPRGSHMRPEPRLITILFSDIVGFTRMSNALQSQGVAELLNEYLGEMTRAVFENQGTVDKFVGDAI
MALYGAPEEMSPSEQVRRAIATARQMLVALEKLNQGWQERGLVGRNEVPPVRFRCGIHQGMAVVGLFGSQERSDFTAIGP
SVNIAARLQEATAPNSIMVSAMVAQYVPDEEIIKREFLELKGIDEPVMTCVINPNMLNQ
;
_entity_poly.pdbx_strand_id   A,B,C,D
#
loop_
_chem_comp.id
_chem_comp.type
_chem_comp.name
_chem_comp.formula
APC non-polymer 'DIPHOSPHOMETHYLPHOSPHONIC ACID ADENOSYL ESTER' 'C11 H18 N5 O12 P3'
CA non-polymer 'CALCIUM ION' 'Ca 2'
MG non-polymer 'MAGNESIUM ION' 'Mg 2'
#
# COMPACT_ATOMS: atom_id res chain seq x y z
N MET A 21 -6.62 40.97 -5.55
CA MET A 21 -6.37 41.09 -7.02
C MET A 21 -7.51 41.87 -7.68
N ARG A 22 -7.16 42.74 -8.64
CA ARG A 22 -8.15 43.54 -9.36
C ARG A 22 -8.98 42.63 -10.26
N PRO A 23 -10.26 42.40 -9.91
CA PRO A 23 -11.15 41.56 -10.70
C PRO A 23 -11.09 41.87 -12.20
N GLU A 24 -11.01 40.82 -13.02
CA GLU A 24 -10.97 40.99 -14.47
C GLU A 24 -11.22 39.66 -15.16
N PRO A 25 -11.62 39.69 -16.44
CA PRO A 25 -11.90 38.45 -17.18
C PRO A 25 -10.66 37.59 -17.25
N ARG A 26 -10.85 36.28 -17.39
CA ARG A 26 -9.76 35.32 -17.49
C ARG A 26 -10.29 33.93 -17.74
N LEU A 27 -9.60 33.20 -18.62
CA LEU A 27 -10.02 31.85 -18.94
C LEU A 27 -9.54 30.91 -17.87
N ILE A 28 -10.46 30.21 -17.23
CA ILE A 28 -10.08 29.27 -16.18
C ILE A 28 -10.85 27.96 -16.29
N THR A 29 -10.49 27.01 -15.45
CA THR A 29 -11.17 25.71 -15.42
C THR A 29 -11.62 25.49 -14.00
N ILE A 30 -12.93 25.25 -13.82
CA ILE A 30 -13.51 25.05 -12.50
C ILE A 30 -13.89 23.60 -12.16
N LEU A 31 -13.53 23.19 -10.95
CA LEU A 31 -13.79 21.84 -10.46
C LEU A 31 -14.65 21.87 -9.19
N PHE A 32 -15.71 21.07 -9.19
CA PHE A 32 -16.60 20.95 -8.05
C PHE A 32 -16.68 19.47 -7.70
N SER A 33 -16.53 19.18 -6.41
CA SER A 33 -16.64 17.82 -5.89
C SER A 33 -17.63 17.93 -4.75
N ASP A 34 -18.61 17.03 -4.71
CA ASP A 34 -19.61 17.08 -3.66
C ASP A 34 -19.89 15.65 -3.20
N ILE A 35 -19.90 15.43 -1.89
CA ILE A 35 -20.16 14.10 -1.36
C ILE A 35 -21.63 13.74 -1.57
N VAL A 36 -21.88 12.51 -2.00
CA VAL A 36 -23.24 12.05 -2.23
C VAL A 36 -23.94 11.70 -0.92
N GLY A 37 -25.21 12.08 -0.81
CA GLY A 37 -25.98 11.80 0.40
C GLY A 37 -25.27 12.00 1.72
N PHE A 38 -24.68 13.18 1.92
CA PHE A 38 -23.98 13.49 3.16
C PHE A 38 -24.95 13.69 4.30
N THR A 39 -26.04 14.41 4.02
CA THR A 39 -27.04 14.68 5.04
C THR A 39 -27.61 13.38 5.58
N ARG A 40 -27.69 12.36 4.72
CA ARG A 40 -28.22 11.06 5.10
C ARG A 40 -27.42 10.35 6.17
N MET A 41 -26.10 10.31 5.99
CA MET A 41 -25.22 9.64 6.93
C MET A 41 -24.86 10.46 8.15
N SER A 42 -25.12 11.77 8.10
CA SER A 42 -24.83 12.62 9.24
C SER A 42 -25.71 12.25 10.41
N ASN A 43 -26.75 11.47 10.14
CA ASN A 43 -27.68 11.03 11.17
C ASN A 43 -27.21 9.75 11.84
N ALA A 44 -26.23 9.09 11.25
CA ALA A 44 -25.69 7.86 11.81
C ALA A 44 -24.25 8.09 12.26
N LEU A 45 -23.75 9.30 12.02
CA LEU A 45 -22.38 9.64 12.41
C LEU A 45 -22.35 10.46 13.69
N GLN A 46 -23.38 11.27 13.91
CA GLN A 46 -23.46 12.15 15.07
C GLN A 46 -22.35 13.21 14.94
N SER A 47 -22.58 14.35 15.57
CA SER A 47 -21.67 15.49 15.48
C SER A 47 -20.20 15.11 15.39
N GLN A 48 -19.72 14.39 16.40
CA GLN A 48 -18.34 13.96 16.44
C GLN A 48 -18.03 13.03 15.26
N GLY A 49 -19.00 12.26 14.83
CA GLY A 49 -18.79 11.34 13.71
C GLY A 49 -18.74 12.03 12.35
N VAL A 50 -19.31 13.23 12.25
CA VAL A 50 -19.31 13.99 11.01
C VAL A 50 -18.03 14.81 10.89
N ALA A 51 -17.63 15.45 11.99
CA ALA A 51 -16.43 16.27 12.01
C ALA A 51 -15.18 15.43 11.73
N GLU A 52 -15.15 14.23 12.29
CA GLU A 52 -14.00 13.36 12.06
C GLU A 52 -13.85 13.05 10.58
N LEU A 53 -14.90 12.51 9.99
CA LEU A 53 -14.92 12.11 8.59
C LEU A 53 -14.79 13.29 7.60
N LEU A 54 -15.57 14.34 7.82
CA LEU A 54 -15.54 15.49 6.92
C LEU A 54 -14.15 16.14 6.88
N ASN A 55 -13.53 16.34 8.05
CA ASN A 55 -12.21 16.94 8.06
C ASN A 55 -11.13 16.04 7.47
N GLU A 56 -11.29 14.72 7.62
CA GLU A 56 -10.30 13.80 7.05
C GLU A 56 -10.48 13.85 5.53
N TYR A 57 -11.73 13.88 5.10
CA TYR A 57 -12.08 13.94 3.68
C TYR A 57 -11.48 15.18 3.03
N LEU A 58 -11.66 16.32 3.68
CA LEU A 58 -11.14 17.58 3.16
C LEU A 58 -9.63 17.59 3.03
N GLY A 59 -8.93 17.09 4.04
CA GLY A 59 -7.49 17.06 4.00
C GLY A 59 -6.95 16.34 2.79
N GLU A 60 -7.39 15.10 2.56
CA GLU A 60 -6.94 14.31 1.42
C GLU A 60 -7.35 14.91 0.11
N MET A 61 -8.56 15.42 0.03
CA MET A 61 -9.06 16.00 -1.20
C MET A 61 -8.33 17.29 -1.56
N THR A 62 -8.09 18.17 -0.60
CA THR A 62 -7.38 19.41 -0.92
C THR A 62 -5.92 19.13 -1.24
N ARG A 63 -5.38 18.07 -0.65
CA ARG A 63 -4.00 17.73 -0.92
C ARG A 63 -3.90 17.43 -2.41
N ALA A 64 -4.95 16.78 -2.93
CA ALA A 64 -5.03 16.43 -4.33
C ALA A 64 -5.06 17.67 -5.23
N VAL A 65 -5.81 18.69 -4.83
CA VAL A 65 -5.89 19.91 -5.61
C VAL A 65 -4.53 20.58 -5.66
N PHE A 66 -3.91 20.72 -4.49
CA PHE A 66 -2.61 21.35 -4.36
C PHE A 66 -1.47 20.65 -5.08
N GLU A 67 -1.49 19.32 -5.12
CA GLU A 67 -0.45 18.58 -5.80
C GLU A 67 -0.68 18.53 -7.32
N ASN A 68 -1.60 19.36 -7.79
CA ASN A 68 -1.92 19.43 -9.20
C ASN A 68 -2.07 20.89 -9.59
N GLN A 69 -1.40 21.73 -8.81
CA GLN A 69 -1.36 23.18 -8.98
C GLN A 69 -2.73 23.86 -8.94
N GLY A 70 -3.73 23.17 -8.39
CA GLY A 70 -5.05 23.75 -8.31
C GLY A 70 -5.20 24.63 -7.09
N THR A 71 -6.15 25.55 -7.12
CA THR A 71 -6.37 26.45 -5.98
C THR A 71 -7.71 26.19 -5.31
N VAL A 72 -7.68 25.88 -4.02
CA VAL A 72 -8.92 25.65 -3.28
C VAL A 72 -9.59 26.99 -3.10
N ASP A 73 -10.68 27.21 -3.83
CA ASP A 73 -11.44 28.45 -3.75
C ASP A 73 -12.12 28.51 -2.39
N LYS A 74 -12.92 27.49 -2.12
CA LYS A 74 -13.65 27.42 -0.86
C LYS A 74 -14.29 26.05 -0.68
N PHE A 75 -14.90 25.86 0.48
CA PHE A 75 -15.61 24.64 0.79
C PHE A 75 -17.06 25.04 0.94
N VAL A 76 -17.95 24.39 0.20
CA VAL A 76 -19.36 24.72 0.33
C VAL A 76 -20.00 23.50 0.96
N GLY A 77 -19.77 23.38 2.27
CA GLY A 77 -20.29 22.25 3.02
C GLY A 77 -19.40 21.07 2.72
N ASP A 78 -20.00 19.97 2.27
CA ASP A 78 -19.24 18.78 1.96
C ASP A 78 -18.68 18.89 0.54
N ALA A 79 -18.87 20.04 -0.09
CA ALA A 79 -18.38 20.24 -1.46
C ALA A 79 -17.10 21.07 -1.55
N ILE A 80 -16.28 20.77 -2.55
CA ILE A 80 -15.03 21.49 -2.78
C ILE A 80 -15.08 22.21 -4.14
N MET A 81 -14.56 23.43 -4.16
CA MET A 81 -14.50 24.23 -5.39
C MET A 81 -13.04 24.60 -5.68
N ALA A 82 -12.52 24.12 -6.80
CA ALA A 82 -11.13 24.40 -7.17
C ALA A 82 -11.02 25.12 -8.51
N LEU A 83 -10.05 26.02 -8.59
CA LEU A 83 -9.83 26.80 -9.80
C LEU A 83 -8.45 26.47 -10.37
N TYR A 84 -8.38 26.37 -11.69
CA TYR A 84 -7.11 26.11 -12.38
C TYR A 84 -6.89 27.25 -13.36
N GLY A 85 -5.78 27.95 -13.21
CA GLY A 85 -5.49 29.07 -14.09
C GLY A 85 -5.69 30.37 -13.36
N ALA A 86 -5.80 30.28 -12.03
CA ALA A 86 -6.00 31.45 -11.21
C ALA A 86 -5.73 31.12 -9.74
N PRO A 87 -5.07 32.01 -9.02
CA PRO A 87 -4.58 33.30 -9.53
C PRO A 87 -3.43 33.18 -10.54
N GLU A 88 -2.55 32.20 -10.34
CA GLU A 88 -1.42 32.00 -11.24
C GLU A 88 -1.85 31.49 -12.60
N GLU A 89 -1.15 31.95 -13.63
CA GLU A 89 -1.43 31.59 -15.01
C GLU A 89 -1.23 30.10 -15.28
N MET A 90 -1.98 29.58 -16.25
CA MET A 90 -1.89 28.18 -16.64
C MET A 90 -2.51 28.04 -18.03
N SER A 91 -1.94 27.18 -18.88
CA SER A 91 -2.47 27.01 -20.23
C SER A 91 -3.80 26.25 -20.25
N PRO A 92 -4.59 26.46 -21.31
CA PRO A 92 -5.88 25.81 -21.48
C PRO A 92 -5.78 24.29 -21.47
N SER A 93 -4.68 23.74 -21.94
CA SER A 93 -4.54 22.29 -21.96
C SER A 93 -4.11 21.78 -20.59
N GLU A 94 -3.24 22.54 -19.94
CA GLU A 94 -2.75 22.15 -18.63
C GLU A 94 -3.85 22.24 -17.60
N GLN A 95 -4.73 23.22 -17.77
CA GLN A 95 -5.84 23.38 -16.85
C GLN A 95 -6.67 22.11 -16.87
N VAL A 96 -7.08 21.69 -18.06
CA VAL A 96 -7.89 20.48 -18.20
C VAL A 96 -7.17 19.29 -17.58
N ARG A 97 -5.94 19.06 -18.00
CA ARG A 97 -5.14 17.94 -17.51
C ARG A 97 -4.94 17.87 -15.99
N ARG A 98 -4.59 19.00 -15.36
CA ARG A 98 -4.39 19.01 -13.91
C ARG A 98 -5.73 18.78 -13.19
N ALA A 99 -6.76 19.47 -13.66
CA ALA A 99 -8.08 19.36 -13.06
C ALA A 99 -8.58 17.92 -13.13
N ILE A 100 -8.35 17.25 -14.25
CA ILE A 100 -8.80 15.86 -14.40
C ILE A 100 -7.96 14.94 -13.52
N ALA A 101 -6.64 15.16 -13.53
CA ALA A 101 -5.71 14.36 -12.75
C ALA A 101 -6.10 14.48 -11.28
N THR A 102 -6.54 15.67 -10.89
CA THR A 102 -6.95 15.92 -9.52
C THR A 102 -8.17 15.09 -9.16
N ALA A 103 -9.15 15.08 -10.06
CA ALA A 103 -10.37 14.33 -9.81
C ALA A 103 -10.09 12.83 -9.67
N ARG A 104 -9.11 12.35 -10.41
CA ARG A 104 -8.77 10.93 -10.37
C ARG A 104 -7.98 10.56 -9.13
N GLN A 105 -7.22 11.51 -8.60
CA GLN A 105 -6.45 11.22 -7.40
C GLN A 105 -7.40 11.23 -6.23
N MET A 106 -8.40 12.09 -6.29
CA MET A 106 -9.38 12.17 -5.22
C MET A 106 -10.02 10.80 -5.04
N LEU A 107 -10.43 10.19 -6.15
CA LEU A 107 -11.06 8.87 -6.09
C LEU A 107 -10.11 7.83 -5.50
N VAL A 108 -8.84 7.91 -5.86
CA VAL A 108 -7.85 6.97 -5.34
C VAL A 108 -7.65 7.21 -3.85
N ALA A 109 -7.75 8.46 -3.44
CA ALA A 109 -7.59 8.82 -2.03
C ALA A 109 -8.83 8.50 -1.21
N LEU A 110 -9.99 8.59 -1.85
CA LEU A 110 -11.26 8.29 -1.20
C LEU A 110 -11.36 6.79 -0.93
N GLU A 111 -10.85 6.00 -1.87
CA GLU A 111 -10.86 4.55 -1.76
C GLU A 111 -10.08 4.12 -0.52
N LYS A 112 -9.01 4.86 -0.22
CA LYS A 112 -8.18 4.58 0.95
C LYS A 112 -8.93 4.97 2.22
N LEU A 113 -9.58 6.13 2.19
CA LEU A 113 -10.34 6.60 3.35
C LEU A 113 -11.47 5.63 3.65
N ASN A 114 -12.11 5.11 2.60
CA ASN A 114 -13.20 4.15 2.78
C ASN A 114 -12.72 2.87 3.46
N GLN A 115 -11.44 2.55 3.27
CA GLN A 115 -10.88 1.37 3.90
C GLN A 115 -10.71 1.68 5.39
N GLY A 116 -10.14 2.85 5.67
CA GLY A 116 -9.95 3.26 7.04
C GLY A 116 -11.26 3.30 7.80
N TRP A 117 -12.22 4.03 7.26
CA TRP A 117 -13.54 4.16 7.88
C TRP A 117 -14.24 2.80 7.95
N GLN A 118 -13.72 1.82 7.20
CA GLN A 118 -14.27 0.48 7.17
C GLN A 118 -13.93 -0.27 8.46
N GLU A 119 -12.65 -0.23 8.83
CA GLU A 119 -12.20 -0.88 10.06
C GLU A 119 -12.81 -0.13 11.24
N ARG A 120 -12.64 1.19 11.25
CA ARG A 120 -13.18 2.04 12.30
C ARG A 120 -14.66 1.78 12.56
N GLY A 121 -15.33 1.17 11.58
CA GLY A 121 -16.75 0.90 11.73
C GLY A 121 -17.61 2.12 11.48
N LEU A 122 -17.00 3.18 10.95
CA LEU A 122 -17.69 4.43 10.65
C LEU A 122 -18.67 4.27 9.51
N VAL A 123 -18.29 3.44 8.54
CA VAL A 123 -19.13 3.18 7.38
C VAL A 123 -19.00 1.69 7.07
N GLY A 124 -19.18 1.35 5.80
CA GLY A 124 -19.01 -0.01 5.28
C GLY A 124 -19.55 -1.39 5.65
N ARG A 125 -19.44 -1.82 6.91
CA ARG A 125 -19.94 -3.16 7.23
C ARG A 125 -21.41 -3.17 7.65
N VAL A 128 -25.01 2.53 6.48
CA VAL A 128 -24.15 3.61 6.00
C VAL A 128 -23.27 3.13 4.86
N PRO A 129 -23.61 3.49 3.61
CA PRO A 129 -22.80 3.06 2.47
C PRO A 129 -21.48 3.84 2.41
N PRO A 130 -20.42 3.23 1.84
CA PRO A 130 -19.13 3.92 1.74
C PRO A 130 -19.24 5.29 1.08
N VAL A 131 -18.42 6.24 1.53
CA VAL A 131 -18.45 7.61 0.99
C VAL A 131 -18.17 7.70 -0.51
N ARG A 132 -18.99 8.47 -1.21
CA ARG A 132 -18.84 8.67 -2.64
C ARG A 132 -19.05 10.14 -2.97
N PHE A 133 -18.43 10.59 -4.06
CA PHE A 133 -18.57 11.99 -4.48
C PHE A 133 -18.75 12.13 -5.98
N ARG A 134 -19.29 13.28 -6.37
CA ARG A 134 -19.52 13.59 -7.77
C ARG A 134 -18.55 14.70 -8.11
N CYS A 135 -18.09 14.73 -9.35
CA CYS A 135 -17.16 15.76 -9.75
C CYS A 135 -17.62 16.41 -11.06
N GLY A 136 -17.49 17.73 -11.11
CA GLY A 136 -17.88 18.48 -12.30
C GLY A 136 -16.78 19.43 -12.71
N ILE A 137 -16.49 19.48 -14.00
CA ILE A 137 -15.43 20.38 -14.47
C ILE A 137 -15.80 21.07 -15.77
N HIS A 138 -15.68 22.39 -15.78
CA HIS A 138 -15.94 23.18 -16.98
C HIS A 138 -14.79 24.16 -17.15
N GLN A 139 -14.53 24.54 -18.40
CA GLN A 139 -13.47 25.51 -18.68
C GLN A 139 -14.11 26.66 -19.44
N GLY A 140 -13.77 27.89 -19.07
CA GLY A 140 -14.34 29.04 -19.74
C GLY A 140 -14.08 30.34 -19.03
N MET A 141 -14.35 31.44 -19.73
CA MET A 141 -14.13 32.77 -19.18
C MET A 141 -14.91 32.95 -17.88
N ALA A 142 -14.39 33.82 -17.02
CA ALA A 142 -15.02 34.12 -15.75
C ALA A 142 -14.28 35.25 -15.05
N VAL A 143 -15.03 36.12 -14.40
CA VAL A 143 -14.43 37.24 -13.68
C VAL A 143 -13.81 36.68 -12.41
N VAL A 144 -12.48 36.71 -12.33
CA VAL A 144 -11.77 36.21 -11.17
C VAL A 144 -11.16 37.37 -10.40
N GLY A 145 -11.06 37.23 -9.08
CA GLY A 145 -10.49 38.28 -8.26
C GLY A 145 -11.09 38.34 -6.86
N LEU A 146 -10.92 39.47 -6.18
CA LEU A 146 -11.45 39.64 -4.85
C LEU A 146 -12.79 40.34 -4.84
N PHE A 147 -13.83 39.65 -4.37
CA PHE A 147 -15.16 40.24 -4.31
C PHE A 147 -15.58 40.40 -2.84
N GLY A 148 -16.21 41.53 -2.53
CA GLY A 148 -16.64 41.77 -1.16
C GLY A 148 -16.51 43.21 -0.68
N SER A 149 -16.36 43.36 0.63
CA SER A 149 -16.23 44.67 1.25
C SER A 149 -14.80 44.87 1.73
N GLN A 150 -14.53 46.01 2.35
CA GLN A 150 -13.20 46.31 2.87
C GLN A 150 -13.00 45.51 4.15
N GLU A 151 -14.12 45.17 4.77
CA GLU A 151 -14.10 44.39 6.01
C GLU A 151 -13.97 42.91 5.69
N ARG A 152 -14.75 42.44 4.73
CA ARG A 152 -14.72 41.04 4.34
C ARG A 152 -14.81 40.87 2.83
N SER A 153 -13.82 40.19 2.26
CA SER A 153 -13.80 39.94 0.82
C SER A 153 -12.93 38.72 0.54
N ASP A 154 -13.33 37.92 -0.46
CA ASP A 154 -12.58 36.71 -0.80
C ASP A 154 -12.35 36.54 -2.30
N PHE A 155 -11.27 35.84 -2.62
CA PHE A 155 -10.89 35.56 -4.00
C PHE A 155 -11.79 34.45 -4.53
N THR A 156 -12.32 34.62 -5.73
CA THR A 156 -13.19 33.59 -6.31
C THR A 156 -13.51 33.93 -7.77
N ALA A 157 -14.32 33.09 -8.41
CA ALA A 157 -14.71 33.27 -9.80
C ALA A 157 -16.20 33.54 -9.91
N ILE A 158 -16.61 34.33 -10.90
CA ILE A 158 -18.01 34.68 -11.06
C ILE A 158 -18.50 34.66 -12.51
N GLY A 159 -19.69 34.11 -12.74
CA GLY A 159 -20.24 34.06 -14.07
C GLY A 159 -20.84 32.74 -14.50
N PRO A 160 -21.43 32.69 -15.70
CA PRO A 160 -22.05 31.49 -16.28
C PRO A 160 -21.14 30.25 -16.23
N SER A 161 -19.84 30.46 -16.41
CA SER A 161 -18.90 29.34 -16.40
C SER A 161 -18.86 28.57 -15.09
N VAL A 162 -18.90 29.28 -13.98
CA VAL A 162 -18.87 28.61 -12.69
C VAL A 162 -20.13 27.78 -12.48
N ASN A 163 -21.30 28.28 -12.89
CA ASN A 163 -22.53 27.52 -12.68
C ASN A 163 -22.52 26.20 -13.47
N ILE A 164 -22.10 26.27 -14.72
CA ILE A 164 -22.03 25.08 -15.56
C ILE A 164 -21.29 23.93 -14.89
N ALA A 165 -20.15 24.24 -14.26
CA ALA A 165 -19.37 23.23 -13.57
C ALA A 165 -20.15 22.75 -12.35
N ALA A 166 -20.68 23.70 -11.59
CA ALA A 166 -21.46 23.37 -10.40
C ALA A 166 -22.60 22.43 -10.76
N ARG A 167 -23.24 22.71 -11.88
CA ARG A 167 -24.37 21.89 -12.31
C ARG A 167 -23.96 20.55 -12.90
N LEU A 168 -22.81 20.51 -13.57
CA LEU A 168 -22.32 19.26 -14.15
C LEU A 168 -22.03 18.28 -13.02
N GLN A 169 -21.47 18.81 -11.93
CA GLN A 169 -21.18 17.99 -10.76
C GLN A 169 -22.49 17.36 -10.31
N GLU A 170 -23.45 18.24 -10.10
CA GLU A 170 -24.79 17.90 -9.66
C GLU A 170 -25.51 16.80 -10.44
N ALA A 171 -25.28 16.75 -11.76
CA ALA A 171 -25.95 15.79 -12.63
C ALA A 171 -25.24 14.47 -12.88
N THR A 172 -23.97 14.40 -12.55
CA THR A 172 -23.20 13.17 -12.80
C THR A 172 -23.45 12.05 -11.78
N ALA A 173 -23.31 10.81 -12.24
CA ALA A 173 -23.51 9.65 -11.37
C ALA A 173 -22.46 9.61 -10.27
N PRO A 174 -22.80 9.08 -9.10
CA PRO A 174 -21.81 9.03 -8.02
C PRO A 174 -20.51 8.34 -8.43
N ASN A 175 -19.39 8.93 -8.03
CA ASN A 175 -18.05 8.44 -8.32
C ASN A 175 -17.66 8.52 -9.79
N SER A 176 -18.29 9.45 -10.51
CA SER A 176 -18.00 9.65 -11.92
C SER A 176 -17.57 11.09 -12.11
N ILE A 177 -16.82 11.33 -13.18
CA ILE A 177 -16.31 12.66 -13.50
C ILE A 177 -16.95 13.21 -14.78
N MET A 178 -17.80 14.21 -14.64
CA MET A 178 -18.46 14.79 -15.80
C MET A 178 -17.82 16.12 -16.17
N VAL A 179 -17.62 16.33 -17.47
CA VAL A 179 -17.03 17.56 -17.96
C VAL A 179 -17.78 18.09 -19.17
N SER A 180 -17.64 19.39 -19.42
CA SER A 180 -18.29 20.03 -20.57
C SER A 180 -17.52 19.65 -21.85
N ALA A 181 -18.14 19.89 -23.01
CA ALA A 181 -17.50 19.56 -24.28
C ALA A 181 -16.22 20.36 -24.53
N MET A 182 -16.16 21.58 -23.99
CA MET A 182 -14.97 22.42 -24.15
C MET A 182 -13.80 21.77 -23.40
N VAL A 183 -14.07 21.26 -22.21
CA VAL A 183 -13.04 20.61 -21.44
C VAL A 183 -12.69 19.32 -22.16
N ALA A 184 -13.73 18.65 -22.64
CA ALA A 184 -13.57 17.38 -23.35
C ALA A 184 -12.68 17.55 -24.57
N GLN A 185 -12.64 18.77 -25.10
CA GLN A 185 -11.85 19.07 -26.28
C GLN A 185 -10.35 18.84 -26.05
N TYR A 186 -9.93 18.84 -24.79
CA TYR A 186 -8.52 18.62 -24.46
C TYR A 186 -8.26 17.25 -23.84
N VAL A 187 -9.22 16.34 -23.98
CA VAL A 187 -9.08 15.02 -23.40
C VAL A 187 -9.01 13.94 -24.45
N PRO A 188 -7.94 13.13 -24.43
CA PRO A 188 -7.78 12.05 -25.41
C PRO A 188 -9.11 11.32 -25.53
N ASP A 189 -9.49 10.99 -26.76
CA ASP A 189 -10.77 10.35 -27.05
C ASP A 189 -11.09 9.04 -26.32
N GLU A 190 -10.15 8.10 -26.29
CA GLU A 190 -10.39 6.83 -25.64
C GLU A 190 -10.78 7.03 -24.17
N GLU A 191 -10.28 8.10 -23.56
CA GLU A 191 -10.60 8.38 -22.16
C GLU A 191 -12.06 8.72 -21.94
N ILE A 192 -12.75 9.11 -23.00
CA ILE A 192 -14.17 9.43 -22.88
C ILE A 192 -14.93 8.14 -22.67
N ILE A 193 -15.96 8.19 -21.82
CA ILE A 193 -16.77 7.01 -21.54
C ILE A 193 -18.16 7.15 -22.12
N LYS A 194 -18.75 8.33 -21.95
CA LYS A 194 -20.09 8.55 -22.46
C LYS A 194 -20.33 10.02 -22.80
N ARG A 195 -20.80 10.24 -24.03
CA ARG A 195 -21.13 11.59 -24.49
C ARG A 195 -22.64 11.62 -24.41
N GLU A 196 -23.23 12.77 -24.12
CA GLU A 196 -24.67 12.84 -24.04
C GLU A 196 -25.23 14.23 -23.83
N PHE A 197 -26.33 14.50 -24.52
CA PHE A 197 -27.02 15.78 -24.43
C PHE A 197 -27.93 15.69 -23.21
N LEU A 198 -27.58 16.42 -22.15
CA LEU A 198 -28.35 16.40 -20.91
C LEU A 198 -28.93 17.75 -20.53
N GLU A 199 -29.82 17.72 -19.54
CA GLU A 199 -30.42 18.95 -19.03
C GLU A 199 -29.65 19.24 -17.75
N LEU A 200 -29.13 20.45 -17.64
CA LEU A 200 -28.41 20.80 -16.43
C LEU A 200 -29.25 21.72 -15.57
N LYS A 201 -29.95 21.07 -14.64
CA LYS A 201 -30.82 21.69 -13.65
C LYS A 201 -30.29 23.06 -13.21
N GLY A 202 -30.46 24.06 -14.07
CA GLY A 202 -29.99 25.40 -13.78
C GLY A 202 -29.60 26.12 -15.06
N ILE A 203 -29.45 25.36 -16.14
CA ILE A 203 -29.10 25.92 -17.44
C ILE A 203 -30.32 25.75 -18.35
N ASP A 204 -30.69 26.82 -19.03
CA ASP A 204 -31.85 26.84 -19.92
C ASP A 204 -31.80 25.88 -21.10
N GLU A 205 -30.68 25.85 -21.81
CA GLU A 205 -30.57 24.97 -22.95
C GLU A 205 -29.75 23.72 -22.63
N PRO A 206 -30.10 22.57 -23.24
CA PRO A 206 -29.39 21.32 -23.01
C PRO A 206 -27.93 21.49 -23.34
N VAL A 207 -27.07 20.84 -22.58
CA VAL A 207 -25.64 20.94 -22.79
C VAL A 207 -25.04 19.57 -23.08
N MET A 208 -23.99 19.53 -23.88
CA MET A 208 -23.34 18.27 -24.19
C MET A 208 -22.41 17.97 -23.02
N THR A 209 -22.37 16.71 -22.58
CA THR A 209 -21.51 16.31 -21.47
C THR A 209 -20.69 15.08 -21.83
N CYS A 210 -19.58 14.88 -21.12
CA CYS A 210 -18.72 13.72 -21.37
C CYS A 210 -18.25 13.08 -20.07
N VAL A 211 -18.59 11.81 -19.87
CA VAL A 211 -18.17 11.09 -18.67
C VAL A 211 -16.73 10.60 -18.88
N ILE A 212 -15.81 11.12 -18.08
CA ILE A 212 -14.40 10.79 -18.17
C ILE A 212 -14.10 9.47 -17.47
N ASN A 213 -13.16 8.71 -18.02
CA ASN A 213 -12.78 7.44 -17.42
C ASN A 213 -11.99 7.73 -16.15
N PRO A 214 -12.45 7.21 -15.00
CA PRO A 214 -11.80 7.40 -13.70
C PRO A 214 -10.37 6.87 -13.57
N ASN A 215 -9.82 6.33 -14.65
CA ASN A 215 -8.46 5.78 -14.64
C ASN A 215 -7.60 6.18 -15.85
N MET B 21 3.57 -20.66 10.71
CA MET B 21 3.79 -21.29 12.05
C MET B 21 4.94 -20.61 12.79
N ARG B 22 4.62 -19.96 13.92
CA ARG B 22 5.63 -19.26 14.73
C ARG B 22 6.52 -20.34 15.34
N PRO B 23 7.86 -20.14 15.30
CA PRO B 23 8.83 -21.09 15.85
C PRO B 23 8.51 -21.66 17.22
N GLU B 24 8.30 -22.98 17.26
CA GLU B 24 7.97 -23.69 18.50
C GLU B 24 8.71 -25.04 18.56
N PRO B 25 9.04 -25.53 19.76
CA PRO B 25 9.74 -26.80 19.97
C PRO B 25 8.84 -27.97 19.55
N ARG B 26 9.28 -28.80 18.62
CA ARG B 26 8.43 -29.89 18.18
C ARG B 26 9.17 -31.19 17.84
N LEU B 27 8.63 -32.33 18.26
CA LEU B 27 9.29 -33.59 17.93
C LEU B 27 8.98 -33.91 16.48
N ILE B 28 10.01 -33.93 15.64
CA ILE B 28 9.77 -34.22 14.23
C ILE B 28 10.75 -35.20 13.63
N THR B 29 10.51 -35.55 12.38
CA THR B 29 11.36 -36.50 11.67
C THR B 29 11.79 -35.84 10.37
N ILE B 30 13.10 -35.74 10.17
CA ILE B 30 13.68 -35.11 9.00
C ILE B 30 14.32 -36.07 7.99
N LEU B 31 13.96 -35.89 6.73
CA LEU B 31 14.50 -36.72 5.67
C LEU B 31 15.23 -35.88 4.63
N PHE B 32 16.45 -36.29 4.33
CA PHE B 32 17.30 -35.68 3.31
C PHE B 32 17.63 -36.79 2.29
N SER B 33 17.50 -36.46 1.01
CA SER B 33 17.82 -37.38 -0.09
C SER B 33 18.61 -36.50 -1.04
N ASP B 34 19.69 -37.05 -1.59
CA ASP B 34 20.56 -36.28 -2.46
C ASP B 34 21.12 -37.11 -3.60
N ILE B 35 21.29 -36.49 -4.77
CA ILE B 35 21.82 -37.21 -5.92
C ILE B 35 23.33 -37.42 -5.83
N VAL B 36 23.76 -38.65 -6.09
CA VAL B 36 25.18 -39.00 -6.02
C VAL B 36 25.97 -38.45 -7.21
N GLY B 37 27.03 -37.71 -6.90
CA GLY B 37 27.90 -37.14 -7.91
C GLY B 37 27.18 -36.42 -9.04
N PHE B 38 26.28 -35.50 -8.69
CA PHE B 38 25.54 -34.76 -9.70
C PHE B 38 26.39 -33.79 -10.53
N THR B 39 27.26 -33.05 -9.84
CA THR B 39 28.13 -32.07 -10.47
C THR B 39 29.10 -32.70 -11.47
N ARG B 40 29.43 -33.97 -11.22
CA ARG B 40 30.35 -34.75 -12.05
C ARG B 40 29.80 -34.98 -13.46
N MET B 41 28.47 -34.92 -13.60
CA MET B 41 27.85 -35.14 -14.90
C MET B 41 27.35 -33.86 -15.59
N SER B 42 27.67 -32.70 -15.01
CA SER B 42 27.23 -31.42 -15.56
C SER B 42 27.74 -31.09 -16.97
N ASN B 43 29.03 -31.30 -17.23
CA ASN B 43 29.58 -31.00 -18.54
C ASN B 43 29.02 -31.86 -19.67
N ALA B 44 28.82 -33.14 -19.40
CA ALA B 44 28.28 -34.05 -20.41
C ALA B 44 26.79 -33.78 -20.62
N LEU B 45 26.09 -33.43 -19.55
CA LEU B 45 24.66 -33.13 -19.65
C LEU B 45 24.34 -31.79 -20.30
N GLN B 46 25.20 -30.81 -20.10
CA GLN B 46 24.97 -29.48 -20.63
C GLN B 46 23.76 -28.86 -19.91
N SER B 47 23.65 -27.53 -19.96
CA SER B 47 22.55 -26.87 -19.28
C SER B 47 21.20 -27.51 -19.57
N GLN B 48 20.92 -27.86 -20.82
CA GLN B 48 19.63 -28.46 -21.14
C GLN B 48 19.43 -29.80 -20.43
N GLY B 49 20.48 -30.60 -20.39
CA GLY B 49 20.38 -31.89 -19.74
C GLY B 49 20.10 -31.75 -18.25
N VAL B 50 20.88 -30.89 -17.60
CA VAL B 50 20.74 -30.64 -16.16
C VAL B 50 19.31 -30.19 -15.79
N ALA B 51 18.81 -29.16 -16.44
CA ALA B 51 17.48 -28.67 -16.15
C ALA B 51 16.40 -29.74 -16.29
N GLU B 52 16.48 -30.52 -17.35
CA GLU B 52 15.51 -31.57 -17.62
C GLU B 52 15.56 -32.69 -16.58
N LEU B 53 16.75 -33.25 -16.39
CA LEU B 53 16.93 -34.33 -15.44
C LEU B 53 16.60 -33.87 -14.00
N LEU B 54 17.19 -32.76 -13.57
CA LEU B 54 16.91 -32.28 -12.22
C LEU B 54 15.43 -32.01 -12.02
N ASN B 55 14.76 -31.41 -13.01
CA ASN B 55 13.34 -31.14 -12.85
C ASN B 55 12.43 -32.37 -12.82
N GLU B 56 12.71 -33.38 -13.63
CA GLU B 56 11.86 -34.58 -13.58
C GLU B 56 12.09 -35.22 -12.21
N TYR B 57 13.35 -35.39 -11.84
CA TYR B 57 13.71 -35.99 -10.57
C TYR B 57 12.95 -35.35 -9.41
N LEU B 58 13.12 -34.04 -9.23
CA LEU B 58 12.46 -33.34 -8.14
C LEU B 58 10.95 -33.50 -8.17
N GLY B 59 10.36 -33.46 -9.37
CA GLY B 59 8.92 -33.62 -9.47
C GLY B 59 8.49 -34.96 -8.89
N GLU B 60 9.20 -36.02 -9.26
CA GLU B 60 8.88 -37.35 -8.77
C GLU B 60 9.15 -37.51 -7.28
N MET B 61 10.25 -36.95 -6.81
CA MET B 61 10.59 -37.06 -5.40
C MET B 61 9.61 -36.29 -4.52
N THR B 62 9.26 -35.06 -4.93
CA THR B 62 8.30 -34.31 -4.13
C THR B 62 6.96 -35.08 -4.12
N ARG B 63 6.76 -35.89 -5.16
CA ARG B 63 5.54 -36.71 -5.27
C ARG B 63 5.56 -37.80 -4.19
N ALA B 64 6.72 -38.41 -3.98
CA ALA B 64 6.84 -39.44 -2.96
C ALA B 64 6.54 -38.84 -1.57
N VAL B 65 7.01 -37.62 -1.34
CA VAL B 65 6.79 -36.96 -0.05
C VAL B 65 5.33 -36.65 0.15
N PHE B 66 4.73 -35.96 -0.83
CA PHE B 66 3.32 -35.58 -0.77
C PHE B 66 2.39 -36.78 -0.59
N GLU B 67 2.67 -37.88 -1.28
CA GLU B 67 1.83 -39.07 -1.17
C GLU B 67 1.95 -39.78 0.17
N ASN B 68 2.91 -39.36 0.99
CA ASN B 68 3.10 -39.97 2.29
C ASN B 68 2.87 -38.98 3.42
N GLN B 69 2.12 -37.93 3.10
CA GLN B 69 1.75 -36.90 4.06
C GLN B 69 2.94 -36.13 4.63
N GLY B 70 3.97 -35.94 3.82
CA GLY B 70 5.15 -35.23 4.29
C GLY B 70 5.18 -33.82 3.74
N THR B 71 5.96 -32.97 4.41
CA THR B 71 6.09 -31.58 3.99
C THR B 71 7.44 -31.37 3.32
N VAL B 72 7.42 -30.74 2.14
CA VAL B 72 8.65 -30.47 1.42
C VAL B 72 9.21 -29.15 1.92
N ASP B 73 10.18 -29.23 2.82
CA ASP B 73 10.81 -28.05 3.38
C ASP B 73 11.45 -27.24 2.26
N LYS B 74 12.42 -27.85 1.58
CA LYS B 74 13.11 -27.13 0.52
C LYS B 74 14.01 -28.02 -0.31
N PHE B 75 14.60 -27.42 -1.33
CA PHE B 75 15.54 -28.08 -2.21
C PHE B 75 16.86 -27.40 -1.97
N VAL B 76 17.93 -28.18 -1.95
CA VAL B 76 19.29 -27.66 -1.76
C VAL B 76 20.09 -28.28 -2.89
N GLY B 77 20.02 -27.66 -4.07
CA GLY B 77 20.72 -28.19 -5.23
C GLY B 77 19.96 -29.41 -5.68
N ASP B 78 20.60 -30.58 -5.66
CA ASP B 78 19.92 -31.80 -6.04
C ASP B 78 19.26 -32.47 -4.85
N ALA B 79 19.47 -31.95 -3.66
CA ALA B 79 18.88 -32.56 -2.49
C ALA B 79 17.51 -32.05 -2.12
N ILE B 80 16.76 -32.91 -1.43
CA ILE B 80 15.43 -32.57 -0.95
C ILE B 80 15.45 -32.75 0.55
N MET B 81 14.64 -31.94 1.23
CA MET B 81 14.51 -31.98 2.66
C MET B 81 13.00 -32.06 2.90
N ALA B 82 12.57 -33.09 3.63
CA ALA B 82 11.16 -33.26 3.94
C ALA B 82 10.97 -33.34 5.46
N LEU B 83 9.77 -32.99 5.92
CA LEU B 83 9.47 -33.02 7.35
C LEU B 83 8.22 -33.82 7.60
N TYR B 84 8.22 -34.54 8.71
CA TYR B 84 7.08 -35.35 9.12
C TYR B 84 6.78 -35.01 10.58
N GLY B 85 5.56 -34.55 10.83
CA GLY B 85 5.19 -34.16 12.18
C GLY B 85 5.06 -32.65 12.26
N ALA B 86 5.08 -32.02 11.08
CA ALA B 86 4.94 -30.57 11.00
C ALA B 86 4.71 -30.15 9.55
N PRO B 87 3.81 -29.19 9.33
CA PRO B 87 3.03 -28.51 10.38
C PRO B 87 1.93 -29.36 11.03
N GLU B 88 1.40 -30.33 10.29
CA GLU B 88 0.34 -31.20 10.81
C GLU B 88 0.83 -32.16 11.90
N GLU B 89 -0.08 -32.55 12.78
CA GLU B 89 0.19 -33.44 13.91
C GLU B 89 0.48 -34.89 13.50
N MET B 90 1.59 -35.44 13.99
CA MET B 90 1.93 -36.81 13.66
C MET B 90 2.66 -37.50 14.81
N SER B 91 2.21 -38.68 15.19
CA SER B 91 2.84 -39.38 16.30
C SER B 91 4.23 -39.86 15.87
N PRO B 92 5.14 -40.04 16.84
CA PRO B 92 6.51 -40.49 16.58
C PRO B 92 6.61 -41.70 15.67
N SER B 93 5.70 -42.66 15.82
CA SER B 93 5.75 -43.85 14.95
C SER B 93 5.31 -43.57 13.51
N GLU B 94 4.20 -42.86 13.32
CA GLU B 94 3.72 -42.54 11.95
C GLU B 94 4.78 -41.76 11.18
N GLN B 95 5.51 -40.90 11.89
CA GLN B 95 6.58 -40.14 11.26
C GLN B 95 7.53 -41.10 10.59
N VAL B 96 8.20 -41.93 11.39
CA VAL B 96 9.14 -42.90 10.86
C VAL B 96 8.43 -43.70 9.77
N ARG B 97 7.25 -44.20 10.11
CA ARG B 97 6.44 -44.95 9.18
C ARG B 97 6.37 -44.25 7.84
N ARG B 98 5.91 -42.99 7.86
CA ARG B 98 5.75 -42.19 6.63
C ARG B 98 7.07 -41.84 5.92
N ALA B 99 8.06 -41.42 6.69
CA ALA B 99 9.35 -41.06 6.13
C ALA B 99 10.01 -42.21 5.37
N ILE B 100 9.98 -43.41 5.95
CA ILE B 100 10.58 -44.56 5.29
C ILE B 100 9.78 -44.95 4.07
N ALA B 101 8.45 -44.88 4.16
CA ALA B 101 7.63 -45.21 2.99
C ALA B 101 8.07 -44.24 1.89
N THR B 102 8.29 -42.98 2.26
CA THR B 102 8.75 -41.99 1.29
C THR B 102 10.06 -42.42 0.62
N ALA B 103 11.10 -42.68 1.42
CA ALA B 103 12.39 -43.07 0.87
C ALA B 103 12.25 -44.27 -0.07
N ARG B 104 11.49 -45.28 0.33
CA ARG B 104 11.30 -46.45 -0.51
C ARG B 104 10.62 -46.15 -1.82
N GLN B 105 9.59 -45.29 -1.79
CA GLN B 105 8.90 -44.96 -3.03
C GLN B 105 9.83 -44.16 -3.91
N MET B 106 10.81 -43.50 -3.30
CA MET B 106 11.76 -42.68 -4.03
C MET B 106 12.68 -43.57 -4.87
N LEU B 107 13.24 -44.59 -4.23
CA LEU B 107 14.12 -45.52 -4.93
C LEU B 107 13.38 -46.19 -6.08
N VAL B 108 12.13 -46.57 -5.85
CA VAL B 108 11.35 -47.19 -6.90
C VAL B 108 11.06 -46.20 -8.01
N ALA B 109 10.84 -44.94 -7.65
CA ALA B 109 10.57 -43.89 -8.62
C ALA B 109 11.82 -43.65 -9.45
N LEU B 110 12.96 -43.88 -8.83
CA LEU B 110 14.24 -43.67 -9.49
C LEU B 110 14.54 -44.76 -10.53
N GLU B 111 14.06 -45.97 -10.29
CA GLU B 111 14.28 -47.05 -11.24
C GLU B 111 13.67 -46.62 -12.55
N LYS B 112 12.43 -46.17 -12.48
CA LYS B 112 11.70 -45.74 -13.65
C LYS B 112 12.35 -44.53 -14.33
N LEU B 113 12.73 -43.53 -13.55
CA LEU B 113 13.38 -42.34 -14.11
C LEU B 113 14.64 -42.73 -14.87
N ASN B 114 15.46 -43.58 -14.27
CA ASN B 114 16.69 -44.03 -14.91
C ASN B 114 16.39 -44.72 -16.22
N GLN B 115 15.28 -45.46 -16.28
CA GLN B 115 14.92 -46.15 -17.52
C GLN B 115 14.75 -45.14 -18.63
N GLY B 116 13.80 -44.22 -18.44
CA GLY B 116 13.56 -43.20 -19.43
C GLY B 116 14.84 -42.53 -19.87
N TRP B 117 15.58 -41.97 -18.92
CA TRP B 117 16.82 -41.29 -19.23
C TRP B 117 17.81 -42.19 -19.98
N GLN B 118 17.84 -43.46 -19.61
CA GLN B 118 18.72 -44.43 -20.24
C GLN B 118 18.31 -44.60 -21.70
N GLU B 119 17.12 -45.15 -21.90
CA GLU B 119 16.57 -45.38 -23.23
C GLU B 119 16.13 -44.02 -23.76
N ARG B 120 17.05 -43.05 -23.75
CA ARG B 120 16.76 -41.71 -24.22
C ARG B 120 18.02 -40.90 -24.46
N GLY B 121 19.15 -41.37 -23.91
CA GLY B 121 20.41 -40.68 -24.11
C GLY B 121 20.97 -39.82 -22.99
N LEU B 122 20.22 -39.67 -21.89
CA LEU B 122 20.70 -38.85 -20.78
C LEU B 122 21.77 -39.54 -19.93
N VAL B 123 21.60 -40.84 -19.70
CA VAL B 123 22.58 -41.58 -18.91
C VAL B 123 22.95 -42.86 -19.64
N GLY B 124 24.12 -43.43 -19.31
CA GLY B 124 24.53 -44.66 -19.94
C GLY B 124 25.82 -44.61 -20.75
N ARG B 125 26.80 -43.86 -20.26
CA ARG B 125 28.09 -43.72 -20.93
C ARG B 125 29.23 -43.62 -19.90
N VAL B 128 28.42 -40.99 -18.59
CA VAL B 128 27.63 -40.64 -17.42
C VAL B 128 26.80 -41.82 -16.87
N PRO B 129 27.15 -42.30 -15.67
CA PRO B 129 26.46 -43.42 -15.01
C PRO B 129 25.04 -43.08 -14.54
N PRO B 130 24.18 -44.11 -14.39
CA PRO B 130 22.80 -43.92 -13.95
C PRO B 130 22.72 -43.15 -12.63
N VAL B 131 21.69 -42.32 -12.50
CA VAL B 131 21.55 -41.52 -11.29
C VAL B 131 21.23 -42.38 -10.07
N ARG B 132 21.71 -41.93 -8.92
CA ARG B 132 21.49 -42.62 -7.65
C ARG B 132 21.46 -41.56 -6.56
N PHE B 133 20.86 -41.86 -5.43
CA PHE B 133 20.84 -40.89 -4.34
C PHE B 133 21.08 -41.54 -2.99
N ARG B 134 21.34 -40.71 -1.99
CA ARG B 134 21.56 -41.17 -0.63
C ARG B 134 20.41 -40.61 0.17
N CYS B 135 19.98 -41.34 1.20
CA CYS B 135 18.91 -40.85 2.04
C CYS B 135 19.23 -41.04 3.51
N GLY B 136 19.03 -39.95 4.26
CA GLY B 136 19.29 -39.97 5.70
C GLY B 136 18.02 -39.55 6.44
N ILE B 137 17.71 -40.26 7.52
CA ILE B 137 16.51 -39.95 8.29
C ILE B 137 16.78 -39.95 9.78
N HIS B 138 16.35 -38.88 10.45
CA HIS B 138 16.52 -38.79 11.89
C HIS B 138 15.25 -38.23 12.53
N GLN B 139 15.06 -38.52 13.81
CA GLN B 139 13.91 -38.03 14.55
C GLN B 139 14.37 -37.37 15.84
N GLY B 140 13.80 -36.21 16.16
CA GLY B 140 14.18 -35.54 17.37
C GLY B 140 13.58 -34.15 17.44
N MET B 141 13.81 -33.49 18.57
CA MET B 141 13.31 -32.14 18.82
C MET B 141 14.01 -31.15 17.90
N ALA B 142 13.25 -30.16 17.45
CA ALA B 142 13.77 -29.12 16.58
C ALA B 142 12.82 -27.93 16.68
N VAL B 143 13.32 -26.71 16.53
CA VAL B 143 12.43 -25.56 16.59
C VAL B 143 11.87 -25.46 15.18
N VAL B 144 10.58 -25.65 15.05
CA VAL B 144 9.95 -25.65 13.73
C VAL B 144 9.06 -24.45 13.42
N GLY B 145 9.22 -23.92 12.20
CA GLY B 145 8.39 -22.79 11.81
C GLY B 145 8.98 -21.77 10.85
N LEU B 146 8.39 -20.58 10.85
CA LEU B 146 8.84 -19.51 9.98
C LEU B 146 10.12 -18.86 10.46
N PHE B 147 11.18 -18.98 9.68
CA PHE B 147 12.45 -18.38 10.04
C PHE B 147 12.84 -17.40 8.95
N GLY B 148 13.58 -16.37 9.33
CA GLY B 148 14.02 -15.36 8.38
C GLY B 148 13.59 -13.95 8.76
N SER B 149 13.99 -12.98 7.94
CA SER B 149 13.63 -11.59 8.20
C SER B 149 12.14 -11.39 7.95
N GLN B 150 11.53 -10.50 8.72
CA GLN B 150 10.12 -10.19 8.60
C GLN B 150 9.91 -9.52 7.22
N GLU B 151 9.86 -10.38 6.20
CA GLU B 151 9.68 -9.99 4.81
C GLU B 151 10.02 -11.24 4.00
N ARG B 152 11.30 -11.62 4.04
CA ARG B 152 11.77 -12.84 3.36
C ARG B 152 11.98 -13.89 4.44
N SER B 153 11.12 -14.92 4.44
CA SER B 153 11.22 -15.97 5.43
C SER B 153 10.50 -17.24 5.00
N ASP B 154 11.08 -18.39 5.30
CA ASP B 154 10.48 -19.65 4.94
C ASP B 154 10.29 -20.56 6.14
N PHE B 155 9.39 -21.52 5.97
CA PHE B 155 9.09 -22.52 6.99
C PHE B 155 10.22 -23.56 6.97
N THR B 156 10.82 -23.82 8.12
CA THR B 156 11.88 -24.79 8.21
C THR B 156 12.10 -25.22 9.65
N ALA B 157 13.05 -26.12 9.86
CA ALA B 157 13.34 -26.65 11.19
C ALA B 157 14.79 -26.33 11.57
N ILE B 158 15.04 -26.11 12.86
CA ILE B 158 16.38 -25.75 13.32
C ILE B 158 16.82 -26.57 14.53
N GLY B 159 18.10 -26.94 14.55
CA GLY B 159 18.60 -27.72 15.67
C GLY B 159 19.49 -28.88 15.29
N PRO B 160 20.19 -29.47 16.27
CA PRO B 160 21.10 -30.60 16.06
C PRO B 160 20.44 -31.85 15.46
N SER B 161 19.14 -31.98 15.62
CA SER B 161 18.42 -33.14 15.08
C SER B 161 18.39 -33.06 13.55
N VAL B 162 18.30 -31.85 13.02
CA VAL B 162 18.26 -31.67 11.57
C VAL B 162 19.66 -31.88 10.96
N ASN B 163 20.70 -31.40 11.64
CA ASN B 163 22.06 -31.59 11.15
C ASN B 163 22.37 -33.09 11.06
N ILE B 164 21.96 -33.85 12.07
CA ILE B 164 22.19 -35.30 12.11
C ILE B 164 21.59 -35.95 10.87
N ALA B 165 20.37 -35.59 10.54
CA ALA B 165 19.71 -36.13 9.36
C ALA B 165 20.55 -35.82 8.11
N ALA B 166 20.98 -34.57 7.99
CA ALA B 166 21.79 -34.17 6.83
C ALA B 166 23.10 -34.97 6.74
N ARG B 167 23.78 -35.15 7.87
CA ARG B 167 25.04 -35.88 7.86
C ARG B 167 24.86 -37.39 7.70
N LEU B 168 23.69 -37.91 8.07
CA LEU B 168 23.38 -39.32 7.93
C LEU B 168 23.27 -39.62 6.44
N GLN B 169 22.71 -38.67 5.72
CA GLN B 169 22.53 -38.79 4.28
C GLN B 169 23.87 -38.79 3.59
N GLU B 170 24.75 -37.86 3.98
CA GLU B 170 26.02 -37.81 3.31
C GLU B 170 26.96 -38.94 3.71
N ALA B 171 26.68 -39.59 4.83
CA ALA B 171 27.55 -40.68 5.28
C ALA B 171 27.18 -42.05 4.72
N THR B 172 25.96 -42.20 4.22
CA THR B 172 25.50 -43.47 3.69
C THR B 172 25.96 -43.73 2.25
N ALA B 173 26.00 -45.00 1.86
CA ALA B 173 26.44 -45.37 0.53
C ALA B 173 25.38 -45.03 -0.51
N PRO B 174 25.76 -44.94 -1.78
CA PRO B 174 24.77 -44.61 -2.81
C PRO B 174 23.61 -45.58 -2.84
N ASN B 175 22.43 -45.03 -3.09
CA ASN B 175 21.15 -45.74 -3.15
C ASN B 175 20.73 -46.52 -1.92
N SER B 176 21.10 -46.02 -0.75
CA SER B 176 20.70 -46.69 0.49
C SER B 176 20.01 -45.70 1.40
N ILE B 177 19.31 -46.22 2.39
CA ILE B 177 18.59 -45.43 3.38
C ILE B 177 19.27 -45.69 4.72
N MET B 178 19.75 -44.62 5.35
CA MET B 178 20.42 -44.72 6.64
C MET B 178 19.65 -43.89 7.66
N VAL B 179 19.39 -44.47 8.83
CA VAL B 179 18.65 -43.77 9.86
C VAL B 179 19.36 -43.87 11.21
N SER B 180 18.90 -43.08 12.18
CA SER B 180 19.50 -43.08 13.51
C SER B 180 18.77 -44.10 14.38
N ALA B 181 19.24 -44.24 15.62
CA ALA B 181 18.67 -45.20 16.57
C ALA B 181 17.24 -44.85 16.96
N MET B 182 16.99 -43.55 17.09
CA MET B 182 15.67 -43.08 17.46
C MET B 182 14.67 -43.48 16.36
N VAL B 183 15.09 -43.44 15.11
CA VAL B 183 14.22 -43.81 13.99
C VAL B 183 14.05 -45.32 13.87
N ALA B 184 15.17 -46.04 13.87
CA ALA B 184 15.18 -47.49 13.74
C ALA B 184 14.29 -48.22 14.75
N GLN B 185 14.13 -47.66 15.95
CA GLN B 185 13.32 -48.31 16.97
C GLN B 185 11.88 -48.58 16.51
N TYR B 186 11.43 -47.85 15.50
CA TYR B 186 10.08 -48.03 14.98
C TYR B 186 10.08 -48.92 13.75
N VAL B 187 11.27 -49.38 13.38
CA VAL B 187 11.44 -50.23 12.21
C VAL B 187 11.53 -51.71 12.58
N PRO B 188 10.93 -52.59 11.76
CA PRO B 188 10.96 -54.01 12.02
C PRO B 188 12.40 -54.51 12.00
N ASP B 189 12.79 -55.16 13.09
CA ASP B 189 14.13 -55.67 13.25
C ASP B 189 14.73 -56.37 12.03
N GLU B 190 13.97 -57.24 11.37
CA GLU B 190 14.51 -57.95 10.22
C GLU B 190 14.80 -57.04 9.02
N GLU B 191 14.44 -55.77 9.13
CA GLU B 191 14.66 -54.83 8.04
C GLU B 191 15.91 -53.97 8.20
N ILE B 192 16.61 -54.16 9.31
CA ILE B 192 17.83 -53.42 9.55
C ILE B 192 18.92 -54.21 8.85
N ILE B 193 19.53 -53.63 7.82
CA ILE B 193 20.56 -54.30 7.05
C ILE B 193 21.95 -54.12 7.65
N LYS B 194 22.19 -52.98 8.29
CA LYS B 194 23.47 -52.70 8.91
C LYS B 194 23.31 -51.79 10.12
N ARG B 195 24.01 -52.14 11.19
CA ARG B 195 23.96 -51.39 12.43
C ARG B 195 25.42 -51.07 12.69
N GLU B 196 25.79 -49.79 12.62
CA GLU B 196 27.19 -49.41 12.80
C GLU B 196 27.43 -48.01 13.33
N PHE B 197 28.48 -47.87 14.13
CA PHE B 197 28.88 -46.58 14.69
C PHE B 197 29.67 -45.87 13.61
N LEU B 198 29.27 -44.67 13.26
CA LEU B 198 29.96 -43.93 12.23
C LEU B 198 30.26 -42.50 12.66
N GLU B 199 31.30 -41.93 12.07
CA GLU B 199 31.66 -40.56 12.35
C GLU B 199 30.74 -39.69 11.51
N LEU B 200 30.00 -38.80 12.14
CA LEU B 200 29.15 -37.88 11.40
C LEU B 200 29.81 -36.50 11.50
N LYS B 201 30.11 -35.90 10.36
CA LYS B 201 30.77 -34.59 10.31
C LYS B 201 30.14 -33.54 11.21
N GLY B 202 30.92 -33.01 12.16
CA GLY B 202 30.39 -32.00 13.06
C GLY B 202 29.93 -32.51 14.40
N ILE B 203 29.78 -33.82 14.50
CA ILE B 203 29.36 -34.46 15.75
C ILE B 203 30.63 -35.12 16.29
N ASP B 204 31.08 -34.68 17.46
CA ASP B 204 32.29 -35.20 18.07
C ASP B 204 32.24 -36.69 18.36
N GLU B 205 31.08 -37.18 18.75
CA GLU B 205 30.91 -38.58 19.12
C GLU B 205 30.39 -39.45 17.98
N PRO B 206 30.96 -40.65 17.82
CA PRO B 206 30.51 -41.55 16.75
C PRO B 206 29.02 -41.81 16.97
N VAL B 207 28.27 -41.96 15.88
CA VAL B 207 26.85 -42.19 15.99
C VAL B 207 26.34 -43.57 15.56
N MET B 208 25.37 -44.07 16.31
CA MET B 208 24.76 -45.34 16.00
C MET B 208 23.90 -45.16 14.76
N THR B 209 24.27 -45.80 13.66
CA THR B 209 23.49 -45.68 12.43
C THR B 209 22.92 -47.03 12.01
N CYS B 210 21.84 -47.01 11.25
CA CYS B 210 21.20 -48.22 10.79
C CYS B 210 20.78 -48.14 9.33
N VAL B 211 21.37 -48.99 8.49
CA VAL B 211 20.97 -48.99 7.10
C VAL B 211 19.67 -49.79 7.06
N ILE B 212 18.67 -49.24 6.37
CA ILE B 212 17.36 -49.87 6.28
C ILE B 212 17.14 -50.55 4.93
N ASN B 213 16.52 -51.73 4.97
CA ASN B 213 16.24 -52.48 3.76
C ASN B 213 15.35 -51.64 2.84
N PRO B 214 15.82 -51.37 1.61
CA PRO B 214 15.08 -50.58 0.62
C PRO B 214 13.80 -51.23 0.11
N ASN B 215 13.73 -52.54 0.18
CA ASN B 215 12.55 -53.26 -0.28
C ASN B 215 11.47 -53.31 0.80
N MET B 216 11.17 -54.50 1.29
CA MET B 216 10.15 -54.70 2.32
C MET B 216 10.20 -56.12 2.89
N SER C 19 4.58 -21.20 -20.61
CA SER C 19 5.66 -20.21 -20.87
C SER C 19 6.63 -20.11 -19.70
N HIS C 20 7.92 -20.20 -20.00
CA HIS C 20 8.96 -20.11 -18.97
C HIS C 20 10.33 -20.09 -19.62
N MET C 21 11.30 -19.49 -18.93
CA MET C 21 12.65 -19.41 -19.45
C MET C 21 13.45 -20.62 -18.96
N ARG C 22 13.80 -21.50 -19.91
CA ARG C 22 14.56 -22.69 -19.58
C ARG C 22 15.91 -22.31 -18.97
N PRO C 23 16.19 -22.80 -17.75
CA PRO C 23 17.45 -22.50 -17.06
C PRO C 23 18.62 -22.46 -18.04
N GLU C 24 19.42 -21.41 -17.96
CA GLU C 24 20.57 -21.25 -18.85
C GLU C 24 21.88 -20.95 -18.13
N PRO C 25 23.01 -21.25 -18.78
CA PRO C 25 24.31 -20.97 -18.15
C PRO C 25 24.48 -19.47 -18.02
N ARG C 26 25.39 -19.06 -17.13
CA ARG C 26 25.67 -17.65 -16.92
C ARG C 26 26.73 -17.44 -15.86
N LEU C 27 27.51 -16.38 -16.01
CA LEU C 27 28.55 -16.05 -15.04
C LEU C 27 27.85 -15.29 -13.91
N ILE C 28 28.07 -15.75 -12.69
CA ILE C 28 27.48 -15.13 -11.50
C ILE C 28 28.44 -15.31 -10.35
N THR C 29 28.21 -14.59 -9.26
CA THR C 29 29.06 -14.72 -8.09
C THR C 29 28.21 -15.28 -6.97
N ILE C 30 28.73 -16.30 -6.31
CA ILE C 30 28.00 -16.94 -5.24
C ILE C 30 28.67 -16.71 -3.89
N LEU C 31 27.87 -16.26 -2.92
CA LEU C 31 28.37 -16.03 -1.59
C LEU C 31 27.66 -16.92 -0.58
N PHE C 32 28.44 -17.63 0.24
CA PHE C 32 27.89 -18.48 1.31
C PHE C 32 28.47 -17.95 2.63
N SER C 33 27.64 -17.81 3.66
CA SER C 33 28.17 -17.39 4.94
C SER C 33 27.45 -18.16 6.00
N ASP C 34 28.22 -18.61 6.97
CA ASP C 34 27.63 -19.50 7.92
C ASP C 34 28.01 -19.29 9.40
N ILE C 35 27.03 -19.42 10.31
CA ILE C 35 27.33 -19.27 11.73
C ILE C 35 28.23 -20.42 12.17
N VAL C 36 29.29 -20.04 12.90
CA VAL C 36 30.25 -21.00 13.42
C VAL C 36 29.70 -21.68 14.68
N GLY C 37 29.71 -23.01 14.67
CA GLY C 37 29.25 -23.77 15.82
C GLY C 37 27.87 -23.42 16.34
N PHE C 38 26.88 -23.41 15.45
CA PHE C 38 25.52 -23.08 15.87
C PHE C 38 24.97 -24.19 16.78
N THR C 39 25.39 -25.43 16.53
CA THR C 39 24.92 -26.56 17.33
C THR C 39 25.20 -26.37 18.82
N ARG C 40 26.46 -26.16 19.18
CA ARG C 40 26.83 -25.94 20.58
C ARG C 40 25.93 -24.86 21.18
N MET C 41 25.83 -23.73 20.48
CA MET C 41 25.01 -22.62 20.93
C MET C 41 23.54 -23.01 21.02
N SER C 42 23.05 -23.76 20.04
CA SER C 42 21.65 -24.18 20.03
C SER C 42 21.31 -24.97 21.29
N ASN C 43 22.29 -25.72 21.80
CA ASN C 43 22.09 -26.52 22.99
C ASN C 43 22.03 -25.66 24.26
N ALA C 44 22.94 -24.70 24.35
CA ALA C 44 23.00 -23.80 25.51
C ALA C 44 21.81 -22.86 25.59
N LEU C 45 21.34 -22.36 24.45
CA LEU C 45 20.18 -21.47 24.47
C LEU C 45 18.94 -22.34 24.49
N GLN C 46 17.78 -21.73 24.27
CA GLN C 46 16.53 -22.48 24.25
C GLN C 46 15.56 -21.93 23.23
N SER C 47 14.74 -22.82 22.68
CA SER C 47 13.73 -22.50 21.68
C SER C 47 13.55 -21.01 21.35
N GLN C 48 12.65 -20.36 22.06
CA GLN C 48 12.35 -18.94 21.86
C GLN C 48 13.61 -18.06 21.79
N GLY C 49 14.69 -18.55 22.40
CA GLY C 49 15.96 -17.83 22.38
C GLY C 49 16.65 -18.06 21.05
N VAL C 50 16.88 -19.33 20.73
CA VAL C 50 17.52 -19.72 19.47
C VAL C 50 16.72 -19.13 18.31
N ALA C 51 15.41 -19.36 18.34
CA ALA C 51 14.52 -18.86 17.32
C ALA C 51 14.70 -17.37 17.09
N GLU C 52 14.74 -16.59 18.17
CA GLU C 52 14.89 -15.16 18.01
C GLU C 52 16.28 -14.71 17.65
N LEU C 53 17.30 -15.43 18.10
CA LEU C 53 18.64 -15.05 17.74
C LEU C 53 18.83 -15.26 16.24
N LEU C 54 18.29 -16.36 15.70
CA LEU C 54 18.41 -16.67 14.26
C LEU C 54 17.69 -15.64 13.38
N ASN C 55 16.44 -15.34 13.72
CA ASN C 55 15.65 -14.37 12.95
C ASN C 55 16.31 -12.99 12.91
N GLU C 56 16.95 -12.59 14.01
CA GLU C 56 17.63 -11.29 14.07
C GLU C 56 18.84 -11.36 13.15
N TYR C 57 19.53 -12.50 13.23
CA TYR C 57 20.72 -12.74 12.42
C TYR C 57 20.33 -12.70 10.94
N LEU C 58 19.31 -13.45 10.59
CA LEU C 58 18.86 -13.51 9.21
C LEU C 58 18.31 -12.16 8.76
N GLY C 59 17.72 -11.42 9.68
CA GLY C 59 17.19 -10.11 9.34
C GLY C 59 18.31 -9.19 8.90
N GLU C 60 19.39 -9.17 9.68
CA GLU C 60 20.54 -8.33 9.37
C GLU C 60 21.35 -8.81 8.17
N MET C 61 21.59 -10.11 8.07
CA MET C 61 22.34 -10.63 6.95
C MET C 61 21.56 -10.36 5.67
N THR C 62 20.25 -10.55 5.71
CA THR C 62 19.44 -10.30 4.53
C THR C 62 19.50 -8.84 4.13
N ARG C 63 19.48 -7.94 5.11
CA ARG C 63 19.55 -6.49 4.85
C ARG C 63 20.83 -6.13 4.07
N ALA C 64 21.95 -6.70 4.51
CA ALA C 64 23.24 -6.45 3.91
C ALA C 64 23.27 -6.90 2.45
N VAL C 65 22.62 -8.02 2.16
CA VAL C 65 22.58 -8.51 0.79
C VAL C 65 21.78 -7.55 -0.12
N PHE C 66 20.57 -7.21 0.31
CA PHE C 66 19.71 -6.33 -0.45
C PHE C 66 20.39 -5.00 -0.73
N GLU C 67 20.92 -4.38 0.32
CA GLU C 67 21.59 -3.10 0.18
C GLU C 67 22.74 -3.10 -0.82
N ASN C 68 23.20 -4.30 -1.15
CA ASN C 68 24.30 -4.44 -2.10
C ASN C 68 23.84 -5.00 -3.44
N GLN C 69 22.56 -4.85 -3.73
CA GLN C 69 21.95 -5.30 -5.00
C GLN C 69 21.97 -6.82 -5.16
N GLY C 70 22.18 -7.55 -4.07
CA GLY C 70 22.20 -8.99 -4.16
C GLY C 70 20.86 -9.65 -3.87
N THR C 71 20.66 -10.82 -4.44
CA THR C 71 19.44 -11.58 -4.21
C THR C 71 19.73 -12.67 -3.20
N VAL C 72 18.81 -12.90 -2.28
CA VAL C 72 19.01 -13.95 -1.28
C VAL C 72 18.45 -15.20 -1.89
N ASP C 73 19.32 -16.13 -2.29
CA ASP C 73 18.83 -17.36 -2.90
C ASP C 73 17.96 -18.11 -1.90
N LYS C 74 18.51 -18.36 -0.73
CA LYS C 74 17.80 -19.11 0.30
C LYS C 74 18.64 -19.16 1.56
N PHE C 75 18.03 -19.68 2.62
CA PHE C 75 18.69 -19.89 3.91
C PHE C 75 18.83 -21.42 4.02
N VAL C 76 19.99 -21.88 4.47
CA VAL C 76 20.23 -23.31 4.64
C VAL C 76 20.64 -23.44 6.10
N GLY C 77 19.64 -23.53 6.98
CA GLY C 77 19.92 -23.59 8.40
C GLY C 77 20.41 -22.21 8.83
N ASP C 78 21.59 -22.14 9.41
CA ASP C 78 22.15 -20.86 9.85
C ASP C 78 23.04 -20.23 8.79
N ALA C 79 22.92 -20.70 7.55
CA ALA C 79 23.73 -20.17 6.47
C ALA C 79 22.87 -19.46 5.44
N ILE C 80 23.41 -18.40 4.86
CA ILE C 80 22.73 -17.64 3.83
C ILE C 80 23.42 -17.87 2.50
N MET C 81 22.63 -17.96 1.45
CA MET C 81 23.18 -18.13 0.11
C MET C 81 22.75 -16.91 -0.68
N ALA C 82 23.71 -16.15 -1.17
CA ALA C 82 23.37 -14.97 -1.95
C ALA C 82 23.95 -15.05 -3.36
N LEU C 83 23.18 -14.63 -4.35
CA LEU C 83 23.64 -14.65 -5.72
C LEU C 83 23.81 -13.22 -6.21
N TYR C 84 24.72 -13.05 -7.18
CA TYR C 84 25.02 -11.76 -7.82
C TYR C 84 25.19 -11.99 -9.32
N GLY C 85 24.21 -11.56 -10.10
CA GLY C 85 24.26 -11.73 -11.54
C GLY C 85 23.02 -12.41 -12.08
N ALA C 86 22.15 -12.87 -11.18
CA ALA C 86 20.94 -13.55 -11.59
C ALA C 86 19.87 -13.35 -10.54
N PRO C 87 18.64 -13.07 -10.98
CA PRO C 87 18.22 -12.92 -12.38
C PRO C 87 18.66 -11.62 -13.05
N GLU C 88 18.91 -10.58 -12.24
CA GLU C 88 19.34 -9.27 -12.73
C GLU C 88 20.75 -9.32 -13.30
N GLU C 89 20.90 -8.83 -14.52
CA GLU C 89 22.21 -8.80 -15.17
C GLU C 89 23.16 -7.87 -14.45
N MET C 90 24.38 -8.33 -14.24
CA MET C 90 25.40 -7.55 -13.55
C MET C 90 26.79 -7.91 -14.09
N SER C 91 27.63 -6.89 -14.28
CA SER C 91 28.97 -7.08 -14.79
C SER C 91 29.82 -7.85 -13.81
N PRO C 92 30.82 -8.58 -14.32
CA PRO C 92 31.71 -9.38 -13.48
C PRO C 92 32.42 -8.60 -12.36
N SER C 93 32.87 -7.38 -12.63
CA SER C 93 33.53 -6.60 -11.58
C SER C 93 32.53 -6.12 -10.53
N GLU C 94 31.34 -5.73 -10.96
CA GLU C 94 30.29 -5.28 -10.04
C GLU C 94 29.84 -6.42 -9.14
N GLN C 95 29.71 -7.62 -9.70
CA GLN C 95 29.30 -8.77 -8.94
C GLN C 95 30.21 -8.91 -7.73
N VAL C 96 31.51 -8.94 -8.02
CA VAL C 96 32.54 -9.09 -7.00
C VAL C 96 32.61 -7.92 -6.04
N ARG C 97 32.43 -6.71 -6.55
CA ARG C 97 32.49 -5.55 -5.68
C ARG C 97 31.36 -5.66 -4.66
N ARG C 98 30.18 -6.01 -5.14
CA ARG C 98 29.00 -6.13 -4.29
C ARG C 98 29.01 -7.33 -3.31
N ALA C 99 29.46 -8.48 -3.79
CA ALA C 99 29.52 -9.66 -2.95
C ALA C 99 30.48 -9.40 -1.81
N ILE C 100 31.63 -8.79 -2.11
CA ILE C 100 32.60 -8.51 -1.07
C ILE C 100 32.09 -7.43 -0.12
N ALA C 101 31.38 -6.45 -0.66
CA ALA C 101 30.82 -5.37 0.16
C ALA C 101 29.80 -6.00 1.11
N THR C 102 28.98 -6.92 0.58
CA THR C 102 28.00 -7.56 1.42
C THR C 102 28.69 -8.31 2.57
N ALA C 103 29.68 -9.14 2.26
CA ALA C 103 30.40 -9.89 3.28
C ALA C 103 30.99 -8.97 4.35
N ARG C 104 31.59 -7.86 3.94
CA ARG C 104 32.16 -6.93 4.90
C ARG C 104 31.09 -6.27 5.79
N GLN C 105 29.96 -5.92 5.19
CA GLN C 105 28.87 -5.31 5.95
C GLN C 105 28.24 -6.30 6.90
N MET C 106 28.34 -7.59 6.58
CA MET C 106 27.78 -8.62 7.44
C MET C 106 28.58 -8.67 8.74
N LEU C 107 29.90 -8.56 8.63
CA LEU C 107 30.77 -8.58 9.80
C LEU C 107 30.56 -7.34 10.67
N VAL C 108 30.38 -6.18 10.03
CA VAL C 108 30.14 -4.93 10.78
C VAL C 108 28.84 -5.09 11.56
N ALA C 109 27.83 -5.63 10.89
CA ALA C 109 26.52 -5.87 11.50
C ALA C 109 26.59 -6.93 12.61
N LEU C 110 27.52 -7.88 12.47
CA LEU C 110 27.67 -8.95 13.45
C LEU C 110 28.10 -8.41 14.80
N GLU C 111 29.05 -7.49 14.79
CA GLU C 111 29.54 -6.89 16.03
C GLU C 111 28.34 -6.28 16.78
N LYS C 112 27.52 -5.53 16.05
CA LYS C 112 26.35 -4.89 16.61
C LYS C 112 25.39 -5.92 17.21
N LEU C 113 25.24 -7.04 16.50
CA LEU C 113 24.38 -8.13 16.96
C LEU C 113 24.89 -8.77 18.24
N ASN C 114 26.21 -8.93 18.34
CA ASN C 114 26.78 -9.52 19.53
C ASN C 114 26.57 -8.63 20.74
N GLN C 115 26.72 -7.32 20.54
CA GLN C 115 26.48 -6.36 21.62
C GLN C 115 25.10 -6.66 22.16
N GLY C 116 24.12 -6.59 21.26
CA GLY C 116 22.74 -6.85 21.60
C GLY C 116 22.51 -8.18 22.31
N TRP C 117 22.99 -9.28 21.74
CA TRP C 117 22.80 -10.57 22.37
C TRP C 117 23.53 -10.71 23.70
N GLN C 118 24.69 -10.05 23.81
CA GLN C 118 25.47 -10.14 25.04
C GLN C 118 24.81 -9.37 26.18
N GLU C 119 24.21 -8.22 25.88
CA GLU C 119 23.56 -7.42 26.91
C GLU C 119 22.27 -8.12 27.31
N ARG C 120 21.74 -8.96 26.43
CA ARG C 120 20.52 -9.70 26.70
C ARG C 120 20.82 -11.09 27.22
N GLY C 121 22.09 -11.43 27.33
CA GLY C 121 22.46 -12.73 27.84
C GLY C 121 22.53 -13.88 26.84
N LEU C 122 21.99 -13.71 25.64
CA LEU C 122 22.03 -14.79 24.65
C LEU C 122 23.44 -15.35 24.36
N VAL C 123 24.45 -14.51 24.47
CA VAL C 123 25.82 -14.96 24.26
C VAL C 123 26.70 -14.31 25.33
N GLY C 124 27.84 -14.93 25.60
CA GLY C 124 28.74 -14.37 26.59
C GLY C 124 28.60 -15.01 27.96
N ARG C 125 27.64 -15.91 28.08
CA ARG C 125 27.40 -16.62 29.32
C ARG C 125 26.87 -18.01 29.02
N ASN C 126 26.91 -18.88 30.02
CA ASN C 126 26.42 -20.24 29.84
C ASN C 126 27.29 -20.90 28.78
N GLU C 127 28.56 -20.49 28.75
CA GLU C 127 29.56 -21.01 27.82
C GLU C 127 29.35 -20.65 26.35
N VAL C 128 28.36 -19.82 26.07
CA VAL C 128 28.10 -19.42 24.69
C VAL C 128 28.98 -18.23 24.34
N PRO C 129 29.87 -18.38 23.35
CA PRO C 129 30.77 -17.31 22.93
C PRO C 129 30.11 -16.42 21.90
N PRO C 130 30.57 -15.17 21.76
CA PRO C 130 29.90 -14.34 20.75
C PRO C 130 29.87 -15.05 19.40
N VAL C 131 28.79 -14.84 18.64
CA VAL C 131 28.66 -15.47 17.33
C VAL C 131 29.76 -15.05 16.37
N ARG C 132 30.11 -15.97 15.46
CA ARG C 132 31.11 -15.72 14.42
C ARG C 132 30.64 -16.44 13.16
N PHE C 133 31.15 -16.04 12.01
CA PHE C 133 30.74 -16.74 10.80
C PHE C 133 31.82 -16.88 9.75
N ARG C 134 31.66 -17.93 8.96
CA ARG C 134 32.59 -18.21 7.89
C ARG C 134 31.93 -17.72 6.62
N CYS C 135 32.73 -17.20 5.72
CA CYS C 135 32.17 -16.70 4.47
C CYS C 135 33.06 -17.04 3.29
N GLY C 136 32.44 -17.58 2.25
CA GLY C 136 33.18 -17.93 1.05
C GLY C 136 32.50 -17.32 -0.16
N ILE C 137 33.28 -16.81 -1.11
CA ILE C 137 32.71 -16.21 -2.31
C ILE C 137 33.42 -16.76 -3.55
N HIS C 138 32.64 -17.06 -4.59
CA HIS C 138 33.20 -17.56 -5.82
C HIS C 138 32.47 -17.01 -7.04
N GLN C 139 33.20 -16.78 -8.11
CA GLN C 139 32.61 -16.32 -9.35
C GLN C 139 32.88 -17.40 -10.39
N GLY C 140 31.80 -17.87 -11.02
CA GLY C 140 31.94 -18.91 -12.02
C GLY C 140 30.62 -19.12 -12.75
N MET C 141 30.63 -20.06 -13.68
CA MET C 141 29.46 -20.40 -14.47
C MET C 141 28.55 -21.34 -13.71
N ALA C 142 27.26 -21.10 -13.80
CA ALA C 142 26.29 -21.95 -13.14
C ALA C 142 25.05 -21.87 -14.01
N VAL C 143 24.16 -22.87 -13.88
CA VAL C 143 22.92 -22.87 -14.63
C VAL C 143 21.92 -22.24 -13.68
N VAL C 144 21.24 -21.19 -14.14
CA VAL C 144 20.32 -20.48 -13.28
C VAL C 144 18.91 -20.39 -13.84
N GLY C 145 17.94 -20.57 -12.96
CA GLY C 145 16.56 -20.51 -13.37
C GLY C 145 15.70 -21.22 -12.35
N LEU C 146 14.48 -21.58 -12.73
CA LEU C 146 13.57 -22.28 -11.86
C LEU C 146 13.83 -23.79 -11.81
N PHE C 147 13.91 -24.37 -10.62
CA PHE C 147 14.14 -25.81 -10.47
C PHE C 147 13.15 -26.41 -9.47
N GLY C 148 12.61 -27.57 -9.81
CA GLY C 148 11.65 -28.23 -8.94
C GLY C 148 10.47 -28.75 -9.75
N SER C 149 9.39 -29.12 -9.07
CA SER C 149 8.21 -29.63 -9.77
C SER C 149 7.35 -28.44 -10.20
N GLN C 150 6.17 -28.68 -10.77
CA GLN C 150 5.33 -27.56 -11.18
C GLN C 150 4.94 -26.73 -9.96
N GLU C 151 4.19 -27.33 -9.05
CA GLU C 151 3.75 -26.66 -7.84
C GLU C 151 4.92 -25.98 -7.13
N ARG C 152 5.89 -26.77 -6.68
CA ARG C 152 7.04 -26.24 -5.97
C ARG C 152 8.25 -26.05 -6.86
N SER C 153 8.63 -24.78 -7.05
CA SER C 153 9.77 -24.42 -7.88
C SER C 153 10.42 -23.12 -7.41
N ASP C 154 11.70 -23.17 -7.07
CA ASP C 154 12.41 -21.98 -6.59
C ASP C 154 13.60 -21.62 -7.46
N PHE C 155 13.83 -20.32 -7.64
CA PHE C 155 14.95 -19.85 -8.44
C PHE C 155 16.24 -20.13 -7.69
N THR C 156 17.24 -20.64 -8.39
CA THR C 156 18.52 -20.95 -7.77
C THR C 156 19.55 -21.21 -8.84
N ALA C 157 20.76 -21.54 -8.40
CA ALA C 157 21.86 -21.83 -9.31
C ALA C 157 22.28 -23.28 -9.12
N ILE C 158 22.71 -23.94 -10.19
CA ILE C 158 23.14 -25.33 -10.12
C ILE C 158 24.46 -25.57 -10.85
N GLY C 159 25.39 -26.27 -10.21
CA GLY C 159 26.64 -26.55 -10.86
C GLY C 159 27.90 -26.52 -10.02
N PRO C 160 29.05 -26.86 -10.63
CA PRO C 160 30.37 -26.90 -10.00
C PRO C 160 30.77 -25.62 -9.27
N SER C 161 30.38 -24.47 -9.81
CA SER C 161 30.73 -23.18 -9.20
C SER C 161 30.13 -23.03 -7.81
N VAL C 162 28.86 -23.38 -7.68
CA VAL C 162 28.18 -23.31 -6.41
C VAL C 162 28.96 -24.15 -5.39
N ASN C 163 29.29 -25.37 -5.77
CA ASN C 163 30.04 -26.30 -4.91
C ASN C 163 31.34 -25.65 -4.42
N ILE C 164 32.04 -24.97 -5.32
CA ILE C 164 33.29 -24.30 -4.95
C ILE C 164 32.98 -23.23 -3.92
N ALA C 165 31.92 -22.46 -4.15
CA ALA C 165 31.54 -21.40 -3.23
C ALA C 165 31.28 -21.98 -1.86
N ALA C 166 30.50 -23.05 -1.81
CA ALA C 166 30.17 -23.69 -0.55
C ALA C 166 31.40 -24.19 0.19
N ARG C 167 32.27 -24.89 -0.53
CA ARG C 167 33.47 -25.45 0.09
C ARG C 167 34.44 -24.41 0.63
N LEU C 168 34.54 -23.28 -0.06
CA LEU C 168 35.43 -22.21 0.39
C LEU C 168 34.99 -21.72 1.76
N GLN C 169 33.69 -21.62 1.93
CA GLN C 169 33.11 -21.17 3.17
C GLN C 169 33.46 -22.13 4.30
N GLU C 170 33.35 -23.43 4.06
CA GLU C 170 33.66 -24.41 5.10
C GLU C 170 35.13 -24.43 5.43
N ALA C 171 35.95 -24.15 4.43
CA ALA C 171 37.40 -24.18 4.61
C ALA C 171 38.02 -22.97 5.29
N THR C 172 37.34 -21.82 5.29
CA THR C 172 37.93 -20.63 5.90
C THR C 172 37.80 -20.51 7.43
N ALA C 173 38.67 -19.72 8.03
CA ALA C 173 38.63 -19.53 9.49
C ALA C 173 37.42 -18.70 9.91
N PRO C 174 37.05 -18.78 11.19
CA PRO C 174 35.89 -18.01 11.67
C PRO C 174 36.13 -16.50 11.48
N ASN C 175 35.09 -15.77 11.10
CA ASN C 175 35.18 -14.34 10.87
C ASN C 175 36.11 -13.93 9.73
N SER C 176 36.42 -14.87 8.85
CA SER C 176 37.28 -14.56 7.72
C SER C 176 36.46 -14.68 6.44
N ILE C 177 36.95 -14.05 5.39
CA ILE C 177 36.28 -14.08 4.10
C ILE C 177 37.23 -14.75 3.11
N MET C 178 36.86 -15.93 2.62
CA MET C 178 37.70 -16.64 1.66
C MET C 178 37.10 -16.61 0.26
N VAL C 179 37.91 -16.23 -0.71
CA VAL C 179 37.44 -16.14 -2.07
C VAL C 179 38.37 -16.87 -3.05
N SER C 180 37.83 -17.24 -4.20
CA SER C 180 38.58 -17.92 -5.24
C SER C 180 39.41 -16.89 -6.00
N ALA C 181 40.41 -17.37 -6.72
CA ALA C 181 41.28 -16.48 -7.50
C ALA C 181 40.45 -15.71 -8.50
N MET C 182 39.45 -16.38 -9.05
CA MET C 182 38.57 -15.78 -10.02
C MET C 182 37.96 -14.50 -9.45
N VAL C 183 37.69 -14.49 -8.16
CA VAL C 183 37.11 -13.31 -7.51
C VAL C 183 38.19 -12.30 -7.15
N ALA C 184 39.24 -12.81 -6.51
CA ALA C 184 40.35 -11.99 -6.08
C ALA C 184 40.97 -11.11 -7.16
N GLN C 185 40.81 -11.49 -8.43
CA GLN C 185 41.40 -10.68 -9.49
C GLN C 185 40.85 -9.26 -9.55
N TYR C 186 39.71 -9.02 -8.90
CA TYR C 186 39.13 -7.69 -8.87
C TYR C 186 39.42 -7.03 -7.52
N VAL C 187 40.19 -7.70 -6.68
CA VAL C 187 40.51 -7.17 -5.37
C VAL C 187 41.95 -6.66 -5.32
N PRO C 188 42.14 -5.41 -4.87
CA PRO C 188 43.48 -4.83 -4.78
C PRO C 188 44.38 -5.77 -3.97
N ASP C 189 45.67 -5.81 -4.27
CA ASP C 189 46.56 -6.70 -3.53
C ASP C 189 46.67 -6.34 -2.06
N GLU C 190 46.59 -5.04 -1.75
CA GLU C 190 46.69 -4.58 -0.38
C GLU C 190 45.57 -5.15 0.49
N GLU C 191 44.58 -5.78 -0.15
CA GLU C 191 43.47 -6.37 0.59
C GLU C 191 43.50 -7.90 0.64
N ILE C 192 44.53 -8.49 0.06
CA ILE C 192 44.69 -9.94 0.05
C ILE C 192 45.55 -10.31 1.25
N ILE C 193 44.92 -10.82 2.31
CA ILE C 193 45.66 -11.20 3.51
C ILE C 193 46.56 -12.40 3.25
N LYS C 194 45.99 -13.46 2.68
CA LYS C 194 46.75 -14.67 2.40
C LYS C 194 46.29 -15.41 1.15
N ARG C 195 47.23 -16.04 0.48
CA ARG C 195 46.96 -16.81 -0.74
C ARG C 195 47.36 -18.24 -0.39
N GLU C 196 46.63 -19.22 -0.89
CA GLU C 196 46.93 -20.61 -0.58
C GLU C 196 46.29 -21.55 -1.58
N PHE C 197 47.04 -22.55 -2.04
CA PHE C 197 46.49 -23.51 -2.99
C PHE C 197 45.88 -24.66 -2.18
N LEU C 198 44.55 -24.72 -2.13
CA LEU C 198 43.87 -25.75 -1.35
C LEU C 198 43.16 -26.85 -2.13
N GLU C 199 42.98 -27.98 -1.47
CA GLU C 199 42.28 -29.12 -2.04
C GLU C 199 40.95 -29.20 -1.33
N LEU C 200 39.86 -28.99 -2.08
CA LEU C 200 38.52 -29.01 -1.51
C LEU C 200 37.75 -30.25 -1.92
N LYS C 201 37.00 -30.82 -0.98
CA LYS C 201 36.20 -32.02 -1.22
C LYS C 201 35.29 -31.85 -2.43
N GLY C 202 34.93 -32.95 -3.05
CA GLY C 202 34.05 -32.89 -4.21
C GLY C 202 34.68 -32.10 -5.35
N ILE C 203 35.94 -31.71 -5.18
CA ILE C 203 36.65 -30.98 -6.22
C ILE C 203 38.02 -31.61 -6.41
N ASP C 204 38.20 -32.29 -7.54
CA ASP C 204 39.46 -32.96 -7.84
C ASP C 204 40.54 -31.94 -8.07
N GLU C 205 40.16 -30.84 -8.70
CA GLU C 205 41.09 -29.77 -9.03
C GLU C 205 41.38 -28.88 -7.82
N PRO C 206 42.65 -28.49 -7.64
CA PRO C 206 43.00 -27.63 -6.51
C PRO C 206 42.50 -26.22 -6.86
N VAL C 207 42.24 -25.42 -5.83
CA VAL C 207 41.74 -24.07 -6.06
C VAL C 207 42.65 -23.05 -5.39
N MET C 208 42.92 -21.96 -6.10
CA MET C 208 43.76 -20.92 -5.54
C MET C 208 42.78 -20.07 -4.72
N THR C 209 42.96 -20.05 -3.40
CA THR C 209 42.07 -19.27 -2.54
C THR C 209 42.76 -18.04 -1.98
N CYS C 210 41.97 -17.05 -1.57
CA CYS C 210 42.50 -15.82 -1.02
C CYS C 210 41.62 -15.32 0.11
N VAL C 211 42.23 -15.08 1.26
CA VAL C 211 41.48 -14.55 2.39
C VAL C 211 41.62 -13.06 2.20
N ILE C 212 40.50 -12.35 2.11
CA ILE C 212 40.58 -10.91 1.91
C ILE C 212 40.42 -10.15 3.20
N ASN C 213 40.94 -8.93 3.23
CA ASN C 213 40.85 -8.07 4.41
C ASN C 213 39.37 -7.83 4.70
N PRO C 214 38.96 -7.99 5.97
CA PRO C 214 37.55 -7.75 6.30
C PRO C 214 37.23 -6.26 6.28
N ASN C 215 38.24 -5.47 5.91
CA ASN C 215 38.12 -4.02 5.81
C ASN C 215 38.82 -3.50 4.54
N MET C 216 38.12 -2.62 3.82
CA MET C 216 38.62 -2.03 2.59
C MET C 216 39.82 -1.13 2.86
N ARG D 22 -12.17 21.67 18.21
CA ARG D 22 -12.97 20.59 17.57
C ARG D 22 -14.39 21.07 17.30
N PRO D 23 -14.97 20.69 16.14
CA PRO D 23 -16.33 21.13 15.84
C PRO D 23 -17.33 20.40 16.74
N GLU D 24 -18.24 21.17 17.34
CA GLU D 24 -19.26 20.63 18.22
C GLU D 24 -20.64 21.19 17.86
N PRO D 25 -21.70 20.45 18.18
CA PRO D 25 -23.06 20.90 17.87
C PRO D 25 -23.63 21.92 18.84
N ARG D 26 -24.42 22.85 18.30
CA ARG D 26 -25.07 23.88 19.10
C ARG D 26 -26.21 24.50 18.28
N LEU D 27 -27.16 25.12 18.96
CA LEU D 27 -28.29 25.75 18.29
C LEU D 27 -27.90 27.09 17.67
N ILE D 28 -28.18 27.24 16.38
CA ILE D 28 -27.85 28.47 15.66
C ILE D 28 -28.89 28.81 14.62
N THR D 29 -28.86 30.06 14.14
CA THR D 29 -29.79 30.50 13.11
C THR D 29 -29.01 30.89 11.85
N ILE D 30 -29.36 30.24 10.75
CA ILE D 30 -28.71 30.50 9.47
C ILE D 30 -29.57 31.33 8.54
N LEU D 31 -28.93 32.27 7.85
CA LEU D 31 -29.64 33.11 6.90
C LEU D 31 -28.90 33.09 5.57
N PHE D 32 -29.65 32.89 4.48
CA PHE D 32 -29.07 32.90 3.14
C PHE D 32 -29.72 34.03 2.34
N SER D 33 -28.90 34.80 1.66
CA SER D 33 -29.36 35.91 0.82
C SER D 33 -28.74 35.59 -0.54
N ASP D 34 -29.54 35.65 -1.61
CA ASP D 34 -29.00 35.34 -2.94
C ASP D 34 -29.65 36.19 -4.01
N ILE D 35 -28.83 36.79 -4.86
CA ILE D 35 -29.33 37.65 -5.94
C ILE D 35 -29.95 36.81 -7.03
N VAL D 36 -31.14 37.20 -7.49
CA VAL D 36 -31.83 36.46 -8.53
C VAL D 36 -31.37 36.78 -9.95
N GLY D 37 -31.19 35.72 -10.72
CA GLY D 37 -30.78 35.83 -12.11
C GLY D 37 -29.51 36.64 -12.36
N PHE D 38 -28.60 36.66 -11.39
CA PHE D 38 -27.35 37.40 -11.54
C PHE D 38 -26.64 37.05 -12.85
N THR D 39 -26.70 35.77 -13.25
CA THR D 39 -26.08 35.29 -14.47
C THR D 39 -26.50 36.06 -15.71
N ARG D 40 -27.76 36.49 -15.75
CA ARG D 40 -28.26 37.25 -16.91
C ARG D 40 -27.44 38.52 -17.07
N MET D 41 -27.64 39.48 -16.16
CA MET D 41 -26.91 40.74 -16.21
C MET D 41 -25.41 40.50 -16.21
N SER D 42 -24.99 39.30 -15.83
CA SER D 42 -23.57 38.97 -15.78
C SER D 42 -22.92 39.24 -17.13
N ASN D 43 -23.74 39.41 -18.16
CA ASN D 43 -23.25 39.72 -19.50
C ASN D 43 -23.86 41.05 -19.90
N ALA D 44 -23.14 41.83 -20.68
CA ALA D 44 -23.57 43.15 -21.13
C ALA D 44 -23.35 44.15 -19.99
N LEU D 45 -22.74 43.65 -18.92
CA LEU D 45 -22.44 44.44 -17.75
C LEU D 45 -20.93 44.32 -17.58
N GLN D 46 -20.39 43.27 -18.20
CA GLN D 46 -18.97 42.93 -18.21
C GLN D 46 -18.18 43.09 -16.91
N SER D 47 -16.92 42.66 -16.96
CA SER D 47 -15.99 42.70 -15.84
C SER D 47 -16.23 43.83 -14.85
N GLN D 48 -15.73 45.01 -15.19
CA GLN D 48 -15.87 46.20 -14.34
C GLN D 48 -17.28 46.35 -13.79
N GLY D 49 -18.27 46.18 -14.65
CA GLY D 49 -19.67 46.29 -14.24
C GLY D 49 -20.04 45.28 -13.18
N VAL D 50 -19.79 44.00 -13.47
CA VAL D 50 -20.10 42.92 -12.54
C VAL D 50 -19.35 43.06 -11.21
N ALA D 51 -18.06 43.38 -11.28
CA ALA D 51 -17.25 43.52 -10.09
C ALA D 51 -17.70 44.72 -9.27
N GLU D 52 -17.89 45.85 -9.93
CA GLU D 52 -18.31 47.06 -9.23
C GLU D 52 -19.67 46.90 -8.55
N LEU D 53 -20.64 46.31 -9.27
CA LEU D 53 -21.96 46.13 -8.70
C LEU D 53 -21.93 45.15 -7.55
N LEU D 54 -21.36 43.97 -7.80
CA LEU D 54 -21.28 42.94 -6.78
C LEU D 54 -20.58 43.42 -5.54
N ASN D 55 -19.40 44.00 -5.71
CA ASN D 55 -18.65 44.50 -4.55
C ASN D 55 -19.48 45.47 -3.71
N GLU D 56 -20.27 46.31 -4.37
CA GLU D 56 -21.13 47.27 -3.65
C GLU D 56 -22.29 46.55 -2.98
N TYR D 57 -22.99 45.70 -3.72
CA TYR D 57 -24.11 44.94 -3.17
C TYR D 57 -23.68 44.27 -1.86
N LEU D 58 -22.55 43.57 -1.92
CA LEU D 58 -22.01 42.86 -0.78
C LEU D 58 -21.57 43.76 0.36
N GLY D 59 -21.08 44.95 0.00
CA GLY D 59 -20.64 45.89 1.01
C GLY D 59 -21.77 46.24 1.95
N GLU D 60 -22.94 46.45 1.38
CA GLU D 60 -24.13 46.79 2.14
C GLU D 60 -24.63 45.59 2.97
N MET D 61 -24.83 44.48 2.29
CA MET D 61 -25.32 43.25 2.93
C MET D 61 -24.48 42.80 4.12
N THR D 62 -23.15 42.90 4.02
CA THR D 62 -22.30 42.51 5.15
C THR D 62 -22.50 43.54 6.25
N ARG D 63 -22.72 44.79 5.83
CA ARG D 63 -22.96 45.88 6.74
C ARG D 63 -24.24 45.58 7.52
N ALA D 64 -25.24 45.06 6.82
CA ALA D 64 -26.50 44.72 7.44
C ALA D 64 -26.32 43.62 8.48
N VAL D 65 -25.49 42.62 8.14
CA VAL D 65 -25.22 41.51 9.05
C VAL D 65 -24.47 41.93 10.31
N PHE D 66 -23.36 42.65 10.13
CA PHE D 66 -22.55 43.10 11.25
C PHE D 66 -23.33 44.02 12.18
N GLU D 67 -24.15 44.89 11.62
CA GLU D 67 -24.93 45.80 12.44
C GLU D 67 -25.95 45.07 13.32
N ASN D 68 -26.48 43.96 12.81
CA ASN D 68 -27.44 43.18 13.57
C ASN D 68 -26.76 42.10 14.40
N GLN D 69 -25.51 42.35 14.78
CA GLN D 69 -24.73 41.42 15.60
C GLN D 69 -24.49 40.07 14.94
N GLY D 70 -24.60 40.02 13.62
CA GLY D 70 -24.40 38.75 12.93
C GLY D 70 -22.98 38.44 12.48
N THR D 71 -22.82 37.27 11.88
CA THR D 71 -21.52 36.81 11.38
C THR D 71 -21.62 36.39 9.91
N VAL D 72 -20.71 36.87 9.09
CA VAL D 72 -20.72 36.49 7.69
C VAL D 72 -19.88 35.23 7.54
N ASP D 73 -20.55 34.09 7.44
CA ASP D 73 -19.85 32.81 7.29
C ASP D 73 -19.03 32.82 6.02
N LYS D 74 -19.69 33.07 4.89
CA LYS D 74 -19.01 33.09 3.60
C LYS D 74 -19.92 33.62 2.51
N PHE D 75 -19.29 33.89 1.36
CA PHE D 75 -20.00 34.34 0.18
C PHE D 75 -19.98 33.13 -0.73
N VAL D 76 -21.06 32.91 -1.48
CA VAL D 76 -21.12 31.79 -2.43
C VAL D 76 -21.63 32.45 -3.71
N GLY D 77 -20.70 32.88 -4.56
CA GLY D 77 -21.10 33.58 -5.77
C GLY D 77 -21.70 34.90 -5.32
N ASP D 78 -22.95 35.16 -5.70
CA ASP D 78 -23.64 36.38 -5.33
C ASP D 78 -24.53 36.10 -4.13
N ALA D 79 -24.24 35.02 -3.42
CA ALA D 79 -25.02 34.64 -2.25
C ALA D 79 -24.26 34.93 -0.97
N ILE D 80 -24.98 35.13 0.13
CA ILE D 80 -24.39 35.41 1.42
C ILE D 80 -24.89 34.40 2.44
N MET D 81 -24.01 34.02 3.36
CA MET D 81 -24.36 33.07 4.39
C MET D 81 -23.99 33.67 5.72
N ALA D 82 -24.98 34.09 6.48
CA ALA D 82 -24.72 34.70 7.79
C ALA D 82 -25.20 33.77 8.92
N LEU D 83 -24.52 33.85 10.05
CA LEU D 83 -24.87 33.02 11.19
C LEU D 83 -25.14 33.87 12.43
N TYR D 84 -25.98 33.34 13.30
CA TYR D 84 -26.33 33.99 14.55
C TYR D 84 -26.27 32.91 15.62
N GLY D 85 -25.48 33.14 16.66
CA GLY D 85 -25.35 32.17 17.73
C GLY D 85 -23.99 31.49 17.69
N ALA D 86 -23.21 31.82 16.66
CA ALA D 86 -21.86 31.28 16.50
C ALA D 86 -21.03 32.25 15.68
N PRO D 87 -19.74 32.40 16.03
CA PRO D 87 -19.07 31.70 17.12
C PRO D 87 -19.45 32.25 18.50
N GLU D 88 -20.15 33.38 18.53
CA GLU D 88 -20.55 34.00 19.78
C GLU D 88 -21.92 33.58 20.27
N GLU D 89 -21.95 32.95 21.45
CA GLU D 89 -23.20 32.50 22.07
C GLU D 89 -24.27 33.58 21.95
N MET D 90 -25.49 33.15 21.63
CA MET D 90 -26.61 34.06 21.48
C MET D 90 -27.92 33.34 21.82
N SER D 91 -28.83 34.05 22.49
CA SER D 91 -30.10 33.45 22.89
C SER D 91 -30.99 33.17 21.68
N PRO D 92 -31.72 32.04 21.74
CA PRO D 92 -32.63 31.61 20.68
C PRO D 92 -33.48 32.74 20.13
N SER D 93 -34.06 33.55 21.03
CA SER D 93 -34.91 34.67 20.63
C SER D 93 -34.09 35.71 19.88
N GLU D 94 -32.92 36.03 20.44
CA GLU D 94 -32.02 37.01 19.84
C GLU D 94 -31.57 36.58 18.45
N GLN D 95 -31.15 35.31 18.34
CA GLN D 95 -30.72 34.75 17.07
C GLN D 95 -31.71 35.09 15.95
N VAL D 96 -32.96 34.69 16.12
CA VAL D 96 -34.00 34.94 15.13
C VAL D 96 -34.36 36.42 14.96
N ARG D 97 -34.49 37.13 16.08
CA ARG D 97 -34.85 38.54 15.99
C ARG D 97 -33.86 39.34 15.14
N ARG D 98 -32.57 39.10 15.34
CA ARG D 98 -31.53 39.80 14.59
C ARG D 98 -31.51 39.37 13.12
N ALA D 99 -31.57 38.06 12.90
CA ALA D 99 -31.57 37.51 11.55
C ALA D 99 -32.69 38.17 10.74
N ILE D 100 -33.87 38.29 11.35
CA ILE D 100 -34.99 38.90 10.66
C ILE D 100 -34.73 40.39 10.45
N ALA D 101 -34.23 41.05 11.48
CA ALA D 101 -33.93 42.46 11.38
C ALA D 101 -32.96 42.64 10.21
N THR D 102 -31.98 41.76 10.11
CA THR D 102 -31.01 41.81 9.01
C THR D 102 -31.69 41.66 7.65
N ALA D 103 -32.54 40.64 7.51
CA ALA D 103 -33.23 40.41 6.24
C ALA D 103 -34.04 41.63 5.85
N ARG D 104 -34.74 42.21 6.82
CA ARG D 104 -35.54 43.40 6.55
C ARG D 104 -34.64 44.59 6.22
N GLN D 105 -33.47 44.64 6.83
CA GLN D 105 -32.54 45.74 6.58
C GLN D 105 -31.92 45.63 5.18
N MET D 106 -31.46 44.44 4.83
CA MET D 106 -30.85 44.22 3.51
C MET D 106 -31.78 44.70 2.40
N LEU D 107 -33.07 44.39 2.56
CA LEU D 107 -34.08 44.77 1.57
C LEU D 107 -34.14 46.27 1.37
N VAL D 108 -34.04 47.01 2.48
CA VAL D 108 -34.08 48.46 2.42
C VAL D 108 -32.88 48.98 1.63
N ALA D 109 -31.76 48.27 1.71
CA ALA D 109 -30.55 48.67 0.99
C ALA D 109 -30.68 48.36 -0.50
N LEU D 110 -31.30 47.24 -0.82
CA LEU D 110 -31.48 46.82 -2.21
C LEU D 110 -32.33 47.83 -2.98
N GLU D 111 -33.36 48.36 -2.34
CA GLU D 111 -34.24 49.33 -2.99
C GLU D 111 -33.48 50.61 -3.30
N LYS D 112 -32.56 50.97 -2.40
CA LYS D 112 -31.77 52.18 -2.58
C LYS D 112 -30.61 51.97 -3.55
N LEU D 113 -29.99 50.80 -3.51
CA LEU D 113 -28.88 50.51 -4.41
C LEU D 113 -29.40 50.51 -5.86
N ASN D 114 -30.64 50.05 -6.03
CA ASN D 114 -31.26 50.02 -7.35
C ASN D 114 -31.54 51.46 -7.76
N GLN D 115 -31.69 52.32 -6.76
CA GLN D 115 -31.94 53.74 -6.97
C GLN D 115 -30.60 54.41 -7.28
N GLY D 116 -29.51 53.75 -6.89
CA GLY D 116 -28.18 54.27 -7.13
C GLY D 116 -27.65 53.79 -8.46
N TRP D 117 -28.01 52.57 -8.84
CA TRP D 117 -27.56 52.00 -10.11
C TRP D 117 -28.45 52.43 -11.27
N GLN D 118 -29.70 52.76 -10.98
CA GLN D 118 -30.64 53.18 -12.02
C GLN D 118 -30.16 54.48 -12.67
N GLU D 119 -29.77 55.46 -11.84
CA GLU D 119 -29.28 56.73 -12.35
C GLU D 119 -27.80 56.60 -12.70
N ARG D 120 -27.40 55.40 -13.11
CA ARG D 120 -26.03 55.13 -13.50
C ARG D 120 -26.04 54.25 -14.75
N GLY D 121 -27.23 53.84 -15.16
CA GLY D 121 -27.37 53.02 -16.34
C GLY D 121 -26.98 51.56 -16.14
N LEU D 122 -26.29 51.28 -15.05
CA LEU D 122 -25.85 49.91 -14.74
C LEU D 122 -27.04 48.97 -14.62
N VAL D 123 -28.25 49.52 -14.69
CA VAL D 123 -29.48 48.74 -14.58
C VAL D 123 -30.54 49.33 -15.52
N GLY D 124 -30.82 48.63 -16.61
CA GLY D 124 -31.81 49.10 -17.56
C GLY D 124 -31.20 49.48 -18.89
N GLU D 127 -31.41 46.64 -21.14
CA GLU D 127 -31.88 45.26 -21.21
C GLU D 127 -31.65 44.51 -19.90
N VAL D 128 -31.63 45.24 -18.78
CA VAL D 128 -31.41 44.62 -17.48
C VAL D 128 -32.28 45.26 -16.40
N PRO D 129 -33.01 44.44 -15.64
CA PRO D 129 -33.89 44.91 -14.56
C PRO D 129 -33.13 45.20 -13.27
N PRO D 130 -33.83 45.74 -12.26
CA PRO D 130 -33.15 46.03 -11.00
C PRO D 130 -32.71 44.70 -10.37
N VAL D 131 -32.08 44.77 -9.22
CA VAL D 131 -31.62 43.57 -8.55
C VAL D 131 -32.58 43.19 -7.44
N ARG D 132 -32.92 41.90 -7.38
CA ARG D 132 -33.81 41.38 -6.36
C ARG D 132 -33.12 40.18 -5.71
N PHE D 133 -33.46 39.89 -4.45
CA PHE D 133 -32.86 38.74 -3.81
C PHE D 133 -33.87 37.85 -3.10
N ARG D 134 -33.49 36.59 -2.90
CA ARG D 134 -34.32 35.61 -2.21
C ARG D 134 -33.66 35.40 -0.86
N CYS D 135 -34.44 35.38 0.21
CA CYS D 135 -33.88 35.17 1.54
C CYS D 135 -34.57 34.05 2.29
N GLY D 136 -33.76 33.18 2.89
CA GLY D 136 -34.28 32.06 3.66
C GLY D 136 -33.61 32.03 5.02
N ILE D 137 -34.41 31.84 6.06
CA ILE D 137 -33.88 31.80 7.42
C ILE D 137 -34.38 30.56 8.15
N HIS D 138 -33.52 29.98 8.98
CA HIS D 138 -33.89 28.78 9.73
C HIS D 138 -33.13 28.68 11.06
N GLN D 139 -33.69 27.95 12.01
CA GLN D 139 -33.05 27.76 13.29
C GLN D 139 -33.05 26.29 13.69
N GLY D 140 -31.86 25.76 13.96
CA GLY D 140 -31.71 24.36 14.34
C GLY D 140 -30.32 24.01 14.82
N MET D 141 -30.05 22.72 14.98
CA MET D 141 -28.74 22.26 15.42
C MET D 141 -27.81 22.13 14.22
N ALA D 142 -26.50 22.24 14.46
CA ALA D 142 -25.50 22.12 13.42
C ALA D 142 -24.12 21.97 14.05
N VAL D 143 -23.27 21.15 13.44
CA VAL D 143 -21.92 20.96 13.96
C VAL D 143 -21.10 22.17 13.52
N VAL D 144 -20.87 23.09 14.45
CA VAL D 144 -20.14 24.33 14.18
C VAL D 144 -18.68 24.24 14.58
N GLY D 145 -17.80 24.84 13.79
CA GLY D 145 -16.38 24.82 14.07
C GLY D 145 -15.54 24.96 12.82
N LEU D 146 -14.23 24.76 12.97
CA LEU D 146 -13.32 24.86 11.83
C LEU D 146 -13.29 23.57 11.02
N PHE D 147 -13.62 23.70 9.74
CA PHE D 147 -13.61 22.55 8.85
C PHE D 147 -12.59 22.72 7.74
N GLY D 148 -11.97 21.61 7.38
CA GLY D 148 -10.96 21.63 6.33
C GLY D 148 -9.73 20.85 6.75
N SER D 149 -8.57 21.24 6.22
CA SER D 149 -7.33 20.58 6.56
C SER D 149 -6.43 21.54 7.33
N GLN D 150 -5.23 21.05 7.67
CA GLN D 150 -4.26 21.87 8.40
C GLN D 150 -3.57 22.82 7.42
N GLU D 151 -3.93 22.70 6.15
CA GLU D 151 -3.35 23.55 5.10
C GLU D 151 -4.41 24.57 4.69
N ARG D 152 -5.68 24.22 4.89
CA ARG D 152 -6.77 25.12 4.55
C ARG D 152 -8.04 24.72 5.31
N SER D 153 -8.46 25.59 6.22
CA SER D 153 -9.67 25.33 6.99
C SER D 153 -10.40 26.64 7.26
N ASP D 154 -11.72 26.59 7.14
CA ASP D 154 -12.58 27.74 7.36
C ASP D 154 -13.64 27.42 8.41
N PHE D 155 -14.11 28.47 9.07
CA PHE D 155 -15.15 28.30 10.08
C PHE D 155 -16.51 28.34 9.41
N THR D 156 -17.32 27.31 9.62
CA THR D 156 -18.66 27.23 9.05
C THR D 156 -19.53 26.34 9.91
N ALA D 157 -20.77 26.13 9.45
CA ALA D 157 -21.74 25.30 10.16
C ALA D 157 -22.13 24.20 9.18
N ILE D 158 -22.15 22.96 9.67
CA ILE D 158 -22.51 21.84 8.84
C ILE D 158 -23.71 21.13 9.42
N GLY D 159 -24.60 20.63 8.57
CA GLY D 159 -25.75 19.91 9.09
C GLY D 159 -27.06 20.13 8.37
N PRO D 160 -28.03 19.23 8.58
CA PRO D 160 -29.35 19.31 7.94
C PRO D 160 -29.96 20.70 8.05
N SER D 161 -29.78 21.34 9.20
CA SER D 161 -30.31 22.68 9.44
C SER D 161 -29.90 23.70 8.39
N VAL D 162 -28.63 23.65 8.00
CA VAL D 162 -28.07 24.56 7.00
C VAL D 162 -28.75 24.34 5.65
N ASN D 163 -28.86 23.06 5.27
CA ASN D 163 -29.48 22.67 4.02
C ASN D 163 -30.90 23.21 3.93
N ILE D 164 -31.63 23.20 5.05
CA ILE D 164 -33.00 23.71 5.02
C ILE D 164 -32.98 25.21 4.76
N ALA D 165 -32.08 25.92 5.43
CA ALA D 165 -31.97 27.36 5.26
C ALA D 165 -31.72 27.67 3.79
N ALA D 166 -30.83 26.89 3.19
CA ALA D 166 -30.49 27.08 1.79
C ALA D 166 -31.71 26.77 0.93
N ARG D 167 -32.26 25.58 1.12
CA ARG D 167 -33.43 25.14 0.36
C ARG D 167 -34.59 26.13 0.48
N LEU D 168 -34.79 26.72 1.67
CA LEU D 168 -35.86 27.69 1.87
C LEU D 168 -35.63 28.91 0.98
N GLN D 169 -34.42 29.44 1.03
CA GLN D 169 -34.08 30.61 0.22
C GLN D 169 -34.35 30.37 -1.27
N GLU D 170 -34.01 29.17 -1.74
CA GLU D 170 -34.22 28.80 -3.15
C GLU D 170 -35.68 28.61 -3.52
N ALA D 171 -36.50 28.15 -2.58
CA ALA D 171 -37.91 27.91 -2.86
C ALA D 171 -38.78 29.14 -2.81
N THR D 172 -38.26 30.24 -2.26
CA THR D 172 -39.04 31.46 -2.14
C THR D 172 -39.06 32.36 -3.37
N ALA D 173 -40.04 33.25 -3.42
CA ALA D 173 -40.22 34.18 -4.53
C ALA D 173 -39.23 35.33 -4.42
N PRO D 174 -38.82 35.90 -5.56
CA PRO D 174 -37.87 37.02 -5.56
C PRO D 174 -38.37 38.17 -4.70
N ASN D 175 -37.47 38.77 -3.93
CA ASN D 175 -37.79 39.87 -3.02
C ASN D 175 -38.77 39.45 -1.94
N SER D 176 -38.38 38.45 -1.16
CA SER D 176 -39.20 37.96 -0.08
C SER D 176 -38.32 37.23 0.94
N ILE D 177 -38.84 37.06 2.14
CA ILE D 177 -38.13 36.38 3.21
C ILE D 177 -38.94 35.14 3.61
N MET D 178 -38.34 33.96 3.48
CA MET D 178 -39.03 32.75 3.85
C MET D 178 -38.35 32.04 5.02
N VAL D 179 -39.03 31.99 6.16
CA VAL D 179 -38.47 31.34 7.34
C VAL D 179 -39.18 30.00 7.58
N SER D 180 -38.71 29.27 8.59
CA SER D 180 -39.29 27.97 8.94
C SER D 180 -40.16 28.18 10.16
N ALA D 181 -40.93 27.16 10.52
CA ALA D 181 -41.79 27.29 11.70
C ALA D 181 -40.95 27.62 12.93
N MET D 182 -39.81 26.96 13.05
CA MET D 182 -38.90 27.17 14.18
C MET D 182 -38.64 28.67 14.33
N VAL D 183 -38.56 29.36 13.21
CA VAL D 183 -38.30 30.80 13.21
C VAL D 183 -39.59 31.60 13.41
N ALA D 184 -40.62 31.26 12.64
CA ALA D 184 -41.92 31.92 12.69
C ALA D 184 -42.54 32.06 14.08
N GLN D 185 -42.18 31.14 14.98
CA GLN D 185 -42.73 31.17 16.33
C GLN D 185 -42.37 32.45 17.08
N TYR D 186 -41.28 33.12 16.69
CA TYR D 186 -40.91 34.37 17.37
C TYR D 186 -41.52 35.53 16.59
N VAL D 187 -42.35 35.19 15.60
CA VAL D 187 -42.97 36.20 14.74
C VAL D 187 -44.50 36.27 14.93
N PRO D 188 -45.03 37.48 15.20
CA PRO D 188 -46.48 37.62 15.37
C PRO D 188 -47.17 37.14 14.09
N ASP D 189 -48.21 36.31 14.22
CA ASP D 189 -48.90 35.81 13.03
C ASP D 189 -49.34 36.92 12.09
N GLU D 190 -49.41 38.13 12.62
CA GLU D 190 -49.81 39.28 11.84
C GLU D 190 -48.75 39.57 10.77
N GLU D 191 -47.49 39.32 11.13
CA GLU D 191 -46.39 39.53 10.22
C GLU D 191 -46.10 38.29 9.39
N ILE D 192 -47.03 37.33 9.42
CA ILE D 192 -46.86 36.09 8.66
C ILE D 192 -47.74 36.17 7.42
N ILE D 193 -47.14 36.54 6.30
CA ILE D 193 -47.84 36.69 5.05
C ILE D 193 -48.35 35.40 4.43
N LYS D 194 -47.61 34.31 4.55
CA LYS D 194 -48.05 33.08 3.91
C LYS D 194 -47.50 31.85 4.61
N ARG D 195 -48.40 31.03 5.13
CA ARG D 195 -47.99 29.80 5.80
C ARG D 195 -48.36 28.67 4.85
N GLU D 196 -47.50 27.67 4.75
CA GLU D 196 -47.76 26.55 3.85
C GLU D 196 -46.64 25.54 3.82
N PHE D 197 -47.01 24.27 3.83
CA PHE D 197 -46.02 23.20 3.75
C PHE D 197 -45.43 23.26 2.35
N LEU D 198 -44.21 22.75 2.20
CA LEU D 198 -43.53 22.72 0.90
C LEU D 198 -42.51 21.59 0.90
N GLU D 199 -42.42 20.87 -0.21
CA GLU D 199 -41.45 19.80 -0.28
C GLU D 199 -40.15 20.45 -0.72
N LEU D 200 -39.07 20.20 0.01
CA LEU D 200 -37.79 20.78 -0.35
C LEU D 200 -36.84 19.69 -0.82
N LYS D 201 -35.89 20.06 -1.68
CA LYS D 201 -34.94 19.11 -2.23
C LYS D 201 -33.95 18.59 -1.20
N GLY D 202 -33.94 17.27 -1.04
CA GLY D 202 -33.04 16.65 -0.09
C GLY D 202 -33.65 16.44 1.28
N ILE D 203 -34.86 16.95 1.47
CA ILE D 203 -35.54 16.82 2.75
C ILE D 203 -36.75 15.89 2.59
N ASP D 204 -36.72 14.76 3.30
CA ASP D 204 -37.80 13.78 3.24
C ASP D 204 -39.13 14.41 3.65
N GLU D 205 -39.25 14.71 4.94
CA GLU D 205 -40.46 15.30 5.52
C GLU D 205 -40.73 16.74 5.07
N PRO D 206 -41.91 16.98 4.44
CA PRO D 206 -42.30 18.31 3.97
C PRO D 206 -42.18 19.35 5.09
N VAL D 207 -41.51 20.46 4.81
CA VAL D 207 -41.30 21.51 5.80
C VAL D 207 -42.39 22.57 5.80
N MET D 208 -42.64 23.13 6.99
CA MET D 208 -43.64 24.19 7.16
C MET D 208 -42.96 25.53 6.93
N THR D 209 -43.17 26.11 5.76
CA THR D 209 -42.57 27.40 5.43
C THR D 209 -43.46 28.59 5.76
N CYS D 210 -42.83 29.71 6.08
CA CYS D 210 -43.55 30.93 6.42
C CYS D 210 -42.92 32.16 5.78
N VAL D 211 -43.63 32.76 4.83
CA VAL D 211 -43.16 33.96 4.16
C VAL D 211 -43.52 35.10 5.10
N ILE D 212 -42.53 35.80 5.64
CA ILE D 212 -42.83 36.88 6.56
C ILE D 212 -42.96 38.25 5.91
N ASN D 213 -43.42 39.23 6.68
CA ASN D 213 -43.63 40.57 6.18
C ASN D 213 -42.32 41.36 6.24
N PRO D 214 -42.00 42.08 5.15
CA PRO D 214 -40.80 42.91 5.03
C PRO D 214 -40.75 44.07 6.01
N ASN D 215 -41.90 44.39 6.59
CA ASN D 215 -41.99 45.49 7.55
C ASN D 215 -42.47 45.06 8.93
N MET D 216 -41.82 45.64 9.94
CA MET D 216 -42.14 45.37 11.35
C MET D 216 -43.42 46.08 11.77
PG APC E . -26.50 15.52 -2.28
O1G APC E . -26.56 14.00 -2.17
O2G APC E . -27.32 15.95 -3.49
O3G APC E . -25.06 15.98 -2.46
PB APC E . -26.40 16.10 0.50
O1B APC E . -27.32 15.26 1.40
O2B APC E . -25.04 15.41 0.42
O3B APC E . -27.11 16.21 -0.94
PA APC E . -25.84 19.01 0.07
O1A APC E . -24.30 19.09 -0.22
O2A APC E . -26.56 18.71 -1.26
C3A APC E . -26.19 17.72 1.28
O5' APC E . -26.33 20.44 0.65
C5' APC E . -27.45 21.07 0.05
C4' APC E . -27.34 22.60 -0.03
O4' APC E . -26.94 23.18 1.24
C3' APC E . -26.33 23.07 -1.08
O3' APC E . -26.90 24.12 -1.88
C2' APC E . -25.15 23.54 -0.28
O2' APC E . -24.46 24.59 -0.98
C1' APC E . -25.78 24.02 1.02
N9 APC E . -24.84 23.88 2.14
C8 APC E . -24.66 22.85 3.02
N7 APC E . -23.73 23.06 3.91
C5 APC E . -23.27 24.33 3.60
C6 APC E . -22.25 25.16 4.17
N6 APC E . -21.52 24.79 5.22
N1 APC E . -22.03 26.39 3.62
C2 APC E . -22.78 26.76 2.53
N3 APC E . -23.76 26.06 1.92
C4 APC E . -23.93 24.85 2.51
MG MG F . -25.57 18.32 -3.87
CA CA G . -23.44 16.86 -0.88
PG APC H . 27.79 -35.69 -3.77
O1G APC H . 28.69 -35.91 -2.54
O2G APC H . 26.39 -35.31 -3.32
O3G APC H . 27.76 -36.98 -4.58
PB APC H . 27.72 -33.79 -5.89
O1B APC H . 28.57 -34.05 -7.14
O2B APC H . 26.30 -34.33 -6.09
O3B APC H . 28.44 -34.48 -4.64
PA APC H . 26.71 -31.64 -4.13
O1A APC H . 25.20 -31.84 -4.39
O2A APC H . 27.15 -32.57 -2.99
C3A APC H . 27.65 -32.00 -5.62
O5' APC H . 26.99 -30.09 -3.67
C5' APC H . 28.13 -29.79 -2.83
C4' APC H . 27.89 -28.63 -1.85
O4' APC H . 27.32 -27.50 -2.56
C3' APC H . 26.88 -29.01 -0.77
O3' APC H . 27.29 -28.38 0.46
C2' APC H . 25.59 -28.47 -1.28
O2' APC H . 24.64 -28.26 -0.22
C1' APC H . 26.02 -27.19 -1.97
N9 APC H . 25.10 -26.85 -3.06
C8 APC H . 25.04 -27.31 -4.35
N7 APC H . 24.09 -26.78 -5.07
C5 APC H . 23.47 -25.90 -4.19
C6 APC H . 22.37 -25.00 -4.34
N6 APC H . 21.69 -24.88 -5.47
N1 APC H . 22.00 -24.24 -3.26
C2 APC H . 22.70 -24.38 -2.08
N3 APC H . 23.76 -25.19 -1.84
C4 APC H . 24.08 -25.91 -2.94
MG MG I . 26.79 -34.27 -0.89
CA CA J . 24.53 -34.37 -4.56
PG APC K . 29.85 -25.34 11.80
O1G APC K . 28.99 -24.40 10.96
O2G APC K . 30.78 -24.53 12.70
O3G APC K . 30.69 -26.23 10.90
PB APC K . 27.40 -25.91 13.07
O1B APC K . 27.19 -26.20 14.58
O2B APC K . 27.10 -24.43 12.79
O3B APC K . 28.93 -26.27 12.72
PA APC K . 26.35 -26.67 10.35
O1A APC K . 26.07 -25.19 10.02
O2A APC K . 27.74 -27.07 9.81
C3A APC K . 26.28 -26.96 12.14
O5' APC K . 25.17 -27.54 9.68
C5' APC K . 25.24 -28.97 9.59
C4' APC K . 24.63 -29.47 8.27
O4' APC K . 23.19 -29.61 8.37
C3' APC K . 24.92 -28.49 7.12
O3' APC K . 25.40 -29.17 5.96
C2' APC K . 23.61 -27.78 6.91
O2' APC K . 23.48 -27.36 5.55
C1' APC K . 22.56 -28.81 7.31
N9 APC K . 21.34 -28.11 7.81
C8 APC K . 21.00 -27.69 9.07
N7 APC K . 19.84 -27.10 9.15
C5 APC K . 19.36 -27.13 7.87
C6 APC K . 18.16 -26.67 7.27
N6 APC K . 17.22 -26.06 7.95
N1 APC K . 17.97 -26.85 5.91
C2 APC K . 18.96 -27.49 5.21
N3 APC K . 20.13 -27.98 5.67
C4 APC K . 20.27 -27.76 7.01
MG MG L . 29.43 -26.18 8.74
CA CA M . 26.91 -23.44 10.86
PG APC N . -30.58 32.14 -9.43
O1G APC N . -31.79 33.06 -9.40
O2G APC N . -31.06 30.69 -9.38
O3G APC N . -29.69 32.43 -8.25
PB APC N . -28.24 32.84 -10.87
O1B APC N . -27.99 33.52 -12.22
O2B APC N . -27.92 33.84 -9.76
O3B APC N . -29.79 32.38 -10.82
PA APC N . -26.57 31.05 -9.10
O1A APC N . -26.00 32.32 -8.47
O2A APC N . -27.69 30.48 -8.22
C3A APC N . -27.19 31.38 -10.77
O5' APC N . -25.36 29.99 -9.23
C5' APC N . -25.63 28.66 -9.71
C4' APC N . -24.79 27.64 -8.94
O4' APC N . -23.39 27.97 -9.00
C3' APC N . -25.19 27.60 -7.46
O3' APC N . -25.16 26.23 -6.99
C2' APC N . -24.14 28.47 -6.82
O2' APC N . -24.02 28.15 -5.43
C1' APC N . -22.89 28.15 -7.64
N9 APC N . -21.93 29.23 -7.62
C8 APC N . -21.91 30.41 -8.32
N7 APC N . -20.89 31.18 -8.06
C5 APC N . -20.18 30.47 -7.11
C6 APC N . -18.97 30.74 -6.38
N6 APC N . -18.25 31.85 -6.56
N1 APC N . -18.53 29.81 -5.48
C2 APC N . -19.26 28.66 -5.30
N3 APC N . -20.42 28.31 -5.92
C4 APC N . -20.81 29.27 -6.80
MG MG O . -29.49 30.32 -6.99
CA CA P . -27.88 33.88 -7.55
#